data_8K7T
#
_entry.id   8K7T
#
_cell.length_a   1.00
_cell.length_b   1.00
_cell.length_c   1.00
_cell.angle_alpha   90.00
_cell.angle_beta   90.00
_cell.angle_gamma   90.00
#
_symmetry.space_group_name_H-M   'P 1'
#
loop_
_entity.id
_entity.type
_entity.pdbx_description
1 polymer 'High affinity immunoglobulin epsilon receptor subunit alpha'
2 polymer 'High affinity immunoglobulin epsilon receptor subunit gamma'
3 polymer 'High affinity immunoglobulin epsilon receptor subunit beta'
4 polymer 'IgE Fc'
5 branched beta-D-mannopyranose-(1-4)-2-acetamido-2-deoxy-beta-D-glucopyranose-(1-4)-2-acetamido-2-deoxy-beta-D-glucopyranose
6 branched alpha-D-mannopyranose-(1-3)-[alpha-D-mannopyranose-(1-6)]beta-D-mannopyranose-(1-4)-2-acetamido-2-deoxy-beta-D-glucopyranose-(1-4)-2-acetamido-2-deoxy-beta-D-glucopyranose
7 non-polymer 2-acetamido-2-deoxy-beta-D-glucopyranose
#
loop_
_entity_poly.entity_id
_entity_poly.type
_entity_poly.pdbx_seq_one_letter_code
_entity_poly.pdbx_strand_id
1 'polypeptide(L)'
;MVTGRSAQLCLALLFMSLDVILTATEKSVLTLDPPWIRIFTGEKVTLSCYGNNHLQMNSTTKWIHNGTVSEVNSSHLVIV
SATVQDSGKYICQKQGLFKSKPVYLNVTQDWLLLQTSADMVLVHGSFDIRCHGWKNWNVRKVIYYRNDHAFNYSYESPVS
IREATLNDSGTYHCKGYLRQVKYESDKFRIAVVKAYKCKYYWLQLIFPLLVAILFAVDTGLLLSTEEQFKSVLEIQKTGK
YKKVETELLTENLYFQGDYKDDDDKHHHHHHHH
;
A
2 'polypeptide(L)'
;MISAVILFLLLLVEQAAALGEPQLCYILDAVLFLYGIVLTLLYCRLKIQVRKAAIASREKADAVYTGLNTRSQETYETLK
HEKPPQWSHPQFEKEQKLISEEDL
;
G,H
3 'polypeptide(L)'
;MDTENRSRADLALPNPQESSSAPDIELLEASPAKAAPPKQTWRTFLKKELEFLGATQILVGLICLCFGTIVCSVLYVSDF
DEEVLLLYKLGYPFWGAVLFVLSGFLSIISERKNTLYLVRGSLGANIVSSIAAGTGIAMLILNLTNNFAYMNNCKNVTED
DGCFVASFTTELVLMMLFLTILAFCSAVLFTIYRIGQELESKKVPDDRLYEELNVYSPIYSELEDKGETSSPVDSEQKLI
SEEDL
;
B
4 'polypeptide(L)'
;METGLRWLLLVAVLKGVQCVRPVNITDPTLELLHSSCDPNAFHSTIQLYCFIYGHILNDVSVSWLMDDREITDTLAQTVL
IKEEGKLASTCSKLNITEQQWMSESTFTCKVTSQGVDYLAHTRRCPDHEPRGVITYLIPPSPLDLYQNGAPKLTCLVVDL
ESEKNVNVTWNQEKKTSVSASQWYTKHHNNATTSITSILPVVAKDWIEGYGYQCIVDHPDFPKPIVRSITKTPGQRSAPE
VYVFPPPEEESEDKRTLTCLIQNFFPEDISVQWLGDGKLISNSQHSTTTPLKSNGSNQGFFIFSRLEVAKTLWTQRKQFT
CQVIHEALQKPRKLEKTISTSLGNTSLRPSHHHHHH
;
E,F
#
loop_
_chem_comp.id
_chem_comp.type
_chem_comp.name
_chem_comp.formula
BMA D-saccharide, beta linking beta-D-mannopyranose 'C6 H12 O6'
MAN D-saccharide, alpha linking alpha-D-mannopyranose 'C6 H12 O6'
NAG D-saccharide, beta linking 2-acetamido-2-deoxy-beta-D-glucopyranose 'C8 H15 N O6'
#
# COMPACT_ATOMS: atom_id res chain seq x y z
N ALA A 24 43.85 21.88 -0.27
CA ALA A 24 42.59 22.58 -0.45
C ALA A 24 41.46 21.85 0.26
N THR A 25 40.52 22.63 0.81
CA THR A 25 39.37 22.05 1.49
C THR A 25 38.49 21.28 0.52
N GLU A 26 37.88 20.21 1.02
CA GLU A 26 37.03 19.34 0.23
C GLU A 26 35.59 19.40 0.75
N LYS A 27 34.71 18.72 0.03
CA LYS A 27 33.30 18.62 0.40
C LYS A 27 33.08 17.45 1.35
N SER A 28 31.98 17.52 2.09
CA SER A 28 31.60 16.50 3.04
C SER A 28 30.34 15.78 2.57
N VAL A 29 30.22 14.51 2.95
CA VAL A 29 29.07 13.69 2.60
C VAL A 29 28.56 13.00 3.85
N LEU A 30 27.24 12.86 3.95
CA LEU A 30 26.59 12.21 5.09
C LEU A 30 25.90 10.94 4.63
N THR A 31 26.10 9.85 5.37
CA THR A 31 25.56 8.55 5.03
C THR A 31 24.67 8.06 6.18
N LEU A 32 23.56 7.43 5.83
CA LEU A 32 22.65 6.89 6.83
C LEU A 32 22.81 5.37 6.94
N ASP A 33 22.69 4.88 8.17
CA ASP A 33 22.72 3.44 8.45
C ASP A 33 21.55 3.12 9.36
N PRO A 34 20.46 2.53 8.84
CA PRO A 34 20.28 2.15 7.43
C PRO A 34 20.06 3.36 6.51
N PRO A 35 20.34 3.21 5.22
CA PRO A 35 20.27 4.36 4.30
C PRO A 35 18.86 4.83 4.01
N TRP A 36 17.86 4.23 4.67
CA TRP A 36 16.48 4.67 4.49
C TRP A 36 16.26 6.01 5.20
N ILE A 37 15.86 7.02 4.44
CA ILE A 37 15.60 8.34 5.01
C ILE A 37 14.31 8.39 5.80
N ARG A 38 13.46 7.38 5.68
CA ARG A 38 12.21 7.29 6.42
C ARG A 38 12.29 6.10 7.36
N ILE A 39 12.13 6.35 8.66
CA ILE A 39 12.25 5.33 9.69
C ILE A 39 11.07 5.47 10.65
N PHE A 40 10.85 4.41 11.44
CA PHE A 40 9.80 4.40 12.43
C PHE A 40 10.29 5.00 13.75
N THR A 41 9.32 5.33 14.61
CA THR A 41 9.64 5.86 15.92
C THR A 41 10.30 4.79 16.79
N GLY A 42 11.36 5.18 17.51
CA GLY A 42 12.08 4.27 18.36
C GLY A 42 13.19 3.50 17.69
N GLU A 43 13.33 3.62 16.37
CA GLU A 43 14.37 2.91 15.64
C GLU A 43 15.72 3.59 15.85
N LYS A 44 16.79 2.80 15.73
CA LYS A 44 18.15 3.28 15.88
C LYS A 44 18.74 3.56 14.50
N VAL A 45 19.28 4.75 14.32
CA VAL A 45 19.87 5.17 13.05
C VAL A 45 21.21 5.84 13.32
N THR A 46 22.19 5.54 12.47
CA THR A 46 23.53 6.12 12.59
C THR A 46 23.80 7.02 11.40
N LEU A 47 24.10 8.29 11.68
CA LEU A 47 24.49 9.24 10.65
C LEU A 47 26.00 9.39 10.70
N SER A 48 26.67 8.98 9.62
CA SER A 48 28.12 9.00 9.54
C SER A 48 28.57 10.11 8.60
N CYS A 49 29.52 10.93 9.05
CA CYS A 49 30.02 12.07 8.30
C CYS A 49 31.50 11.85 8.04
N TYR A 50 31.82 11.22 6.91
CA TYR A 50 33.21 11.04 6.47
C TYR A 50 33.33 11.65 5.08
N GLY A 51 33.85 12.87 5.04
CA GLY A 51 33.99 13.60 3.79
C GLY A 51 35.43 13.89 3.45
N ASN A 52 36.29 12.87 3.59
CA ASN A 52 37.74 13.00 3.43
C ASN A 52 38.31 13.90 4.53
N ASN A 53 37.91 13.61 5.78
CA ASN A 53 38.38 14.33 6.94
C ASN A 53 39.84 14.02 7.29
N HIS A 54 40.44 13.04 6.62
CA HIS A 54 41.79 12.57 6.94
C HIS A 54 42.87 13.39 6.24
N LEU A 55 42.58 14.65 5.89
CA LEU A 55 43.60 15.50 5.29
C LEU A 55 44.78 15.69 6.24
N GLN A 56 44.49 15.94 7.52
CA GLN A 56 45.53 15.95 8.54
C GLN A 56 44.87 15.72 9.90
N MET A 57 45.31 14.67 10.60
CA MET A 57 44.88 14.37 11.97
C MET A 57 43.38 14.10 12.07
N ASN A 58 42.95 13.54 13.20
CA ASN A 58 41.54 13.41 13.49
C ASN A 58 40.97 14.74 13.97
N SER A 59 39.67 14.90 13.79
CA SER A 59 39.01 16.16 14.13
C SER A 59 37.56 15.90 14.50
N THR A 60 36.95 16.89 15.15
CA THR A 60 35.57 16.79 15.60
C THR A 60 34.62 17.10 14.43
N THR A 61 33.33 17.25 14.73
CA THR A 61 32.31 17.49 13.72
C THR A 61 31.30 18.49 14.26
N LYS A 62 30.67 19.22 13.34
CA LYS A 62 29.60 20.15 13.66
C LYS A 62 28.30 19.64 13.05
N TRP A 63 27.27 19.50 13.88
CA TRP A 63 25.98 18.97 13.46
C TRP A 63 24.93 20.05 13.59
N ILE A 64 24.15 20.26 12.53
CA ILE A 64 23.11 21.28 12.48
C ILE A 64 21.79 20.58 12.22
N HIS A 65 20.81 20.83 13.09
CA HIS A 65 19.46 20.30 12.95
C HIS A 65 18.48 21.43 13.25
N ASN A 66 17.74 21.86 12.23
CA ASN A 66 16.87 23.04 12.31
C ASN A 66 17.65 24.26 12.80
N GLY A 67 18.78 24.51 12.14
CA GLY A 67 19.59 25.68 12.43
C GLY A 67 20.16 25.74 13.83
N THR A 68 20.21 24.59 14.51
CA THR A 68 20.70 24.50 15.88
C THR A 68 21.99 23.69 15.91
N VAL A 69 23.02 24.25 16.54
CA VAL A 69 24.29 23.56 16.69
C VAL A 69 24.22 22.63 17.89
N SER A 70 23.88 21.36 17.64
CA SER A 70 23.78 20.40 18.72
C SER A 70 25.14 20.09 19.32
N GLU A 71 25.14 19.66 20.58
CA GLU A 71 26.38 19.35 21.29
C GLU A 71 26.89 17.96 20.93
N VAL A 72 27.02 17.68 19.63
CA VAL A 72 27.56 16.42 19.14
C VAL A 72 28.75 16.75 18.23
N ASN A 73 29.90 16.16 18.54
CA ASN A 73 31.12 16.37 17.76
C ASN A 73 31.80 15.03 17.47
N SER A 74 31.01 14.07 17.01
CA SER A 74 31.50 12.75 16.64
C SER A 74 31.22 12.49 15.18
N SER A 75 32.06 11.64 14.58
CA SER A 75 31.86 11.28 13.17
C SER A 75 30.55 10.55 12.97
N HIS A 76 30.16 9.69 13.90
CA HIS A 76 28.91 8.95 13.84
C HIS A 76 27.99 9.43 14.96
N LEU A 77 26.79 9.87 14.58
CA LEU A 77 25.76 10.26 15.52
C LEU A 77 24.70 9.16 15.56
N VAL A 78 24.44 8.63 16.75
CA VAL A 78 23.57 7.47 16.92
C VAL A 78 22.28 7.91 17.61
N ILE A 79 21.15 7.55 17.01
CA ILE A 79 19.84 7.78 17.59
C ILE A 79 19.27 6.40 17.92
N VAL A 80 19.33 6.02 19.19
CA VAL A 80 18.87 4.70 19.60
C VAL A 80 17.35 4.61 19.48
N SER A 81 16.65 5.63 19.96
CA SER A 81 15.19 5.66 19.95
C SER A 81 14.75 6.93 19.23
N ALA A 82 14.49 6.81 17.93
CA ALA A 82 14.04 7.94 17.15
C ALA A 82 12.63 8.35 17.55
N THR A 83 12.39 9.65 17.61
CA THR A 83 11.09 10.20 17.99
C THR A 83 10.56 11.06 16.85
N VAL A 84 9.37 11.61 17.05
CA VAL A 84 8.77 12.50 16.06
C VAL A 84 9.59 13.77 15.92
N GLN A 85 10.13 14.28 17.03
CA GLN A 85 10.95 15.48 17.00
C GLN A 85 12.28 15.29 16.29
N ASP A 86 12.74 14.04 16.17
CA ASP A 86 14.01 13.78 15.50
C ASP A 86 13.97 14.07 14.00
N SER A 87 12.77 14.11 13.41
CA SER A 87 12.64 14.41 11.99
C SER A 87 13.05 15.84 11.71
N GLY A 88 13.63 16.07 10.53
CA GLY A 88 13.99 17.41 10.12
C GLY A 88 15.20 17.40 9.21
N LYS A 89 15.86 18.56 9.16
CA LYS A 89 16.98 18.79 8.26
C LYS A 89 18.28 18.60 9.03
N TYR A 90 19.13 17.69 8.55
CA TYR A 90 20.40 17.38 9.18
C TYR A 90 21.55 17.77 8.27
N ILE A 91 22.54 18.46 8.82
CA ILE A 91 23.74 18.86 8.08
C ILE A 91 24.95 18.56 8.95
N CYS A 92 25.98 17.96 8.35
CA CYS A 92 27.23 17.67 9.02
C CYS A 92 28.36 18.44 8.37
N GLN A 93 29.33 18.86 9.18
CA GLN A 93 30.46 19.64 8.69
C GLN A 93 31.71 19.24 9.45
N LYS A 94 32.74 18.82 8.72
CA LYS A 94 34.02 18.52 9.33
C LYS A 94 34.87 19.78 9.40
N GLN A 95 35.69 19.87 10.45
CA GLN A 95 36.56 21.03 10.62
C GLN A 95 37.53 21.14 9.45
N GLY A 96 37.64 22.34 8.89
CA GLY A 96 38.43 22.54 7.69
C GLY A 96 37.74 22.15 6.40
N LEU A 97 36.49 21.68 6.47
CA LEU A 97 35.72 21.27 5.31
C LEU A 97 34.38 21.97 5.30
N PHE A 98 33.79 22.07 4.12
CA PHE A 98 32.50 22.74 3.98
C PHE A 98 31.37 21.81 4.44
N LYS A 99 30.20 22.41 4.63
CA LYS A 99 29.04 21.66 5.10
C LYS A 99 28.58 20.66 4.04
N SER A 100 28.07 19.52 4.51
CA SER A 100 27.65 18.45 3.64
C SER A 100 26.25 18.73 3.07
N LYS A 101 25.80 17.86 2.18
CA LYS A 101 24.46 17.97 1.63
C LYS A 101 23.43 17.70 2.72
N PRO A 102 22.35 18.49 2.76
CA PRO A 102 21.33 18.28 3.79
C PRO A 102 20.60 16.96 3.61
N VAL A 103 20.15 16.39 4.72
CA VAL A 103 19.39 15.14 4.73
C VAL A 103 18.07 15.40 5.43
N TYR A 104 16.97 15.04 4.78
CA TYR A 104 15.63 15.24 5.31
C TYR A 104 15.16 13.94 5.94
N LEU A 105 15.28 13.83 7.26
CA LEU A 105 14.83 12.65 7.98
C LEU A 105 13.34 12.78 8.30
N ASN A 106 12.58 11.75 7.96
CA ASN A 106 11.13 11.73 8.13
C ASN A 106 10.75 10.51 8.96
N VAL A 107 10.33 10.74 10.19
CA VAL A 107 9.92 9.67 11.10
C VAL A 107 8.40 9.78 11.31
N THR A 108 7.70 8.65 11.11
CA THR A 108 6.26 8.60 11.29
C THR A 108 5.88 7.50 12.25
N GLN A 109 4.57 7.27 12.43
CA GLN A 109 4.06 6.27 13.35
C GLN A 109 2.92 5.48 12.70
N ASP A 110 3.11 5.08 11.44
CA ASP A 110 2.12 4.31 10.72
C ASP A 110 2.39 2.82 10.86
N TRP A 111 1.37 2.01 10.54
CA TRP A 111 1.54 0.56 10.57
C TRP A 111 2.54 0.10 9.52
N LEU A 112 2.49 0.69 8.32
CA LEU A 112 3.34 0.29 7.21
C LEU A 112 4.00 1.53 6.61
N LEU A 113 5.27 1.42 6.24
CA LEU A 113 6.03 2.54 5.71
C LEU A 113 6.73 2.13 4.43
N LEU A 114 6.92 3.11 3.54
CA LEU A 114 7.65 2.91 2.29
C LEU A 114 8.97 3.67 2.39
N GLN A 115 9.99 2.99 2.90
CA GLN A 115 11.30 3.61 3.04
C GLN A 115 11.99 3.74 1.68
N THR A 116 12.62 4.88 1.46
CA THR A 116 13.31 5.17 0.21
C THR A 116 14.71 5.69 0.51
N SER A 117 15.64 5.41 -0.41
CA SER A 117 17.01 5.85 -0.23
C SER A 117 17.15 7.36 -0.39
N ALA A 118 16.38 7.96 -1.29
CA ALA A 118 16.44 9.40 -1.51
C ALA A 118 15.11 9.88 -2.05
N ASP A 119 14.88 11.19 -1.91
CA ASP A 119 13.65 11.81 -2.38
C ASP A 119 13.77 12.42 -3.77
N MET A 120 14.97 12.82 -4.18
CA MET A 120 15.21 13.39 -5.50
C MET A 120 16.32 12.59 -6.17
N VAL A 121 16.04 12.06 -7.36
CA VAL A 121 16.97 11.23 -8.11
C VAL A 121 17.20 11.86 -9.48
N LEU A 122 18.46 11.95 -9.88
CA LEU A 122 18.81 12.47 -11.19
C LEU A 122 18.51 11.44 -12.27
N VAL A 123 18.64 11.88 -13.53
CA VAL A 123 18.41 10.99 -14.67
C VAL A 123 19.47 9.90 -14.68
N HIS A 124 19.07 8.69 -15.05
CA HIS A 124 19.93 7.52 -15.09
C HIS A 124 20.48 7.14 -13.71
N GLY A 125 19.82 7.59 -12.64
CA GLY A 125 20.23 7.27 -11.30
C GLY A 125 19.58 5.99 -10.79
N SER A 126 19.95 5.64 -9.56
CA SER A 126 19.42 4.46 -8.90
C SER A 126 19.00 4.80 -7.48
N PHE A 127 17.86 4.27 -7.05
CA PHE A 127 17.38 4.51 -5.70
C PHE A 127 16.63 3.29 -5.21
N ASP A 128 16.75 3.00 -3.92
CA ASP A 128 16.21 1.79 -3.32
C ASP A 128 14.92 2.10 -2.58
N ILE A 129 13.89 1.29 -2.82
CA ILE A 129 12.61 1.40 -2.13
C ILE A 129 12.28 0.06 -1.48
N ARG A 130 11.86 0.11 -0.23
CA ARG A 130 11.53 -1.10 0.53
C ARG A 130 10.36 -0.83 1.45
N CYS A 131 9.43 -1.79 1.52
CA CYS A 131 8.26 -1.67 2.38
C CYS A 131 8.57 -2.31 3.72
N HIS A 132 8.34 -1.57 4.81
CA HIS A 132 8.71 -2.00 6.15
C HIS A 132 7.48 -1.95 7.07
N GLY A 133 7.43 -2.89 8.02
CA GLY A 133 6.35 -2.96 8.98
C GLY A 133 6.78 -2.49 10.36
N TRP A 134 5.79 -2.40 11.25
CA TRP A 134 6.02 -1.93 12.60
C TRP A 134 6.84 -2.94 13.39
N LYS A 135 7.89 -2.44 14.06
CA LYS A 135 8.76 -3.27 14.90
C LYS A 135 9.36 -4.44 14.14
N ASN A 136 9.68 -4.19 12.86
CA ASN A 136 10.32 -5.19 11.98
C ASN A 136 9.50 -6.47 11.89
N TRP A 137 8.18 -6.34 11.89
CA TRP A 137 7.32 -7.51 11.77
C TRP A 137 7.38 -8.08 10.36
N ASN A 138 6.98 -9.35 10.23
CA ASN A 138 7.00 -10.00 8.93
C ASN A 138 6.00 -9.35 7.98
N VAL A 139 6.48 -8.99 6.80
CA VAL A 139 5.68 -8.34 5.77
C VAL A 139 5.75 -9.19 4.51
N ARG A 140 4.59 -9.55 3.98
CA ARG A 140 4.52 -10.47 2.85
C ARG A 140 3.52 -9.96 1.82
N LYS A 141 3.72 -10.39 0.57
CA LYS A 141 2.82 -10.07 -0.54
C LYS A 141 2.64 -8.57 -0.70
N VAL A 142 3.74 -7.89 -1.00
CA VAL A 142 3.78 -6.43 -1.07
C VAL A 142 3.62 -6.01 -2.52
N ILE A 143 2.76 -5.02 -2.76
CA ILE A 143 2.55 -4.44 -4.09
C ILE A 143 2.87 -2.96 -4.01
N TYR A 144 3.67 -2.47 -4.96
CA TYR A 144 4.09 -1.08 -4.99
C TYR A 144 3.31 -0.36 -6.08
N TYR A 145 2.67 0.75 -5.71
CA TYR A 145 1.85 1.54 -6.62
C TYR A 145 2.52 2.88 -6.85
N ARG A 146 2.70 3.24 -8.12
CA ARG A 146 3.24 4.53 -8.54
C ARG A 146 2.12 5.31 -9.22
N ASN A 147 1.82 6.50 -8.70
CA ASN A 147 0.71 7.31 -9.20
C ASN A 147 -0.59 6.52 -9.18
N ASP A 148 -0.83 5.81 -8.08
CA ASP A 148 -1.99 4.95 -7.88
C ASP A 148 -2.07 3.83 -8.92
N HIS A 149 -0.92 3.42 -9.47
CA HIS A 149 -0.86 2.33 -10.44
C HIS A 149 0.23 1.37 -10.02
N ALA A 150 -0.14 0.11 -9.81
CA ALA A 150 0.84 -0.89 -9.40
C ALA A 150 1.86 -1.15 -10.51
N PHE A 151 3.12 -1.22 -10.13
CA PHE A 151 4.19 -1.49 -11.08
C PHE A 151 5.04 -2.70 -10.73
N ASN A 152 5.11 -3.09 -9.46
CA ASN A 152 5.90 -4.27 -9.09
C ASN A 152 5.30 -4.94 -7.85
N TYR A 153 5.20 -6.27 -7.93
CA TYR A 153 4.74 -7.09 -6.83
C TYR A 153 5.94 -7.86 -6.29
N SER A 154 6.37 -7.53 -5.08
CA SER A 154 7.53 -8.16 -4.45
C SER A 154 7.07 -8.93 -3.22
N TYR A 155 7.61 -10.14 -3.06
CA TYR A 155 7.27 -10.96 -1.90
C TYR A 155 7.94 -10.41 -0.65
N GLU A 156 9.27 -10.42 -0.61
CA GLU A 156 10.01 -9.84 0.51
C GLU A 156 11.15 -8.91 0.03
N SER A 157 11.61 -8.92 -1.23
CA SER A 157 12.79 -8.20 -1.67
C SER A 157 12.47 -6.74 -1.95
N PRO A 158 13.45 -5.85 -1.81
CA PRO A 158 13.27 -4.45 -2.21
C PRO A 158 13.11 -4.31 -3.72
N VAL A 159 12.71 -3.11 -4.14
CA VAL A 159 12.38 -2.87 -5.54
C VAL A 159 13.29 -1.76 -6.06
N SER A 160 14.54 -1.75 -5.57
CA SER A 160 15.56 -0.80 -5.99
C SER A 160 15.59 -0.64 -7.50
N ILE A 161 15.45 0.59 -7.98
CA ILE A 161 15.38 0.90 -9.40
C ILE A 161 16.70 1.48 -9.84
N ARG A 162 17.21 0.98 -10.97
CA ARG A 162 18.44 1.48 -11.59
C ARG A 162 18.10 2.20 -12.89
N GLU A 163 18.94 3.17 -13.24
CA GLU A 163 18.77 3.96 -14.46
C GLU A 163 17.40 4.66 -14.48
N ALA A 164 17.15 5.41 -13.42
CA ALA A 164 15.87 6.12 -13.28
C ALA A 164 15.76 7.23 -14.31
N THR A 165 14.56 7.37 -14.88
CA THR A 165 14.27 8.37 -15.89
C THR A 165 13.16 9.29 -15.39
N LEU A 166 12.71 10.20 -16.28
CA LEU A 166 11.67 11.15 -15.92
C LEU A 166 10.34 10.46 -15.62
N ASN A 167 10.11 9.27 -16.16
CA ASN A 167 8.86 8.56 -15.95
C ASN A 167 8.76 7.98 -14.53
N ASP A 168 9.87 7.91 -13.80
CA ASP A 168 9.84 7.41 -12.43
C ASP A 168 9.38 8.46 -11.43
N SER A 169 9.29 9.72 -11.83
CA SER A 169 8.82 10.77 -10.93
C SER A 169 7.33 10.58 -10.65
N GLY A 170 6.95 10.71 -9.39
CA GLY A 170 5.55 10.58 -9.02
C GLY A 170 5.40 10.17 -7.57
N THR A 171 4.19 9.76 -7.23
CA THR A 171 3.85 9.34 -5.88
C THR A 171 3.87 7.83 -5.78
N TYR A 172 4.59 7.30 -4.80
CA TYR A 172 4.71 5.88 -4.56
C TYR A 172 4.12 5.51 -3.20
N HIS A 173 3.57 4.31 -3.13
CA HIS A 173 3.12 3.76 -1.85
C HIS A 173 3.04 2.25 -1.96
N CYS A 174 3.41 1.56 -0.88
CA CYS A 174 3.43 0.11 -0.84
C CYS A 174 2.29 -0.40 0.04
N LYS A 175 1.60 -1.43 -0.45
CA LYS A 175 0.51 -2.08 0.27
C LYS A 175 0.92 -3.52 0.53
N GLY A 176 0.88 -3.92 1.80
CA GLY A 176 1.41 -5.21 2.20
C GLY A 176 0.54 -5.88 3.25
N TYR A 177 1.09 -6.98 3.79
CA TYR A 177 0.42 -7.78 4.81
C TYR A 177 1.27 -7.80 6.07
N LEU A 178 0.80 -7.16 7.13
CA LEU A 178 1.41 -7.29 8.45
C LEU A 178 0.86 -8.57 9.08
N ARG A 179 1.69 -9.57 9.26
CA ARG A 179 1.24 -10.85 9.86
C ARG A 179 0.31 -11.52 8.83
N GLN A 180 -0.98 -11.30 8.82
CA GLN A 180 -1.99 -11.67 7.84
C GLN A 180 -3.10 -10.62 7.75
N VAL A 181 -2.76 -9.36 8.02
CA VAL A 181 -3.71 -8.25 7.95
C VAL A 181 -3.23 -7.26 6.89
N LYS A 182 -4.13 -6.87 6.00
CA LYS A 182 -3.81 -6.01 4.88
C LYS A 182 -3.68 -4.56 5.36
N TYR A 183 -2.56 -3.92 5.01
CA TYR A 183 -2.30 -2.54 5.35
C TYR A 183 -1.74 -1.80 4.14
N GLU A 184 -1.96 -0.49 4.12
CA GLU A 184 -1.48 0.38 3.05
C GLU A 184 -0.63 1.49 3.67
N SER A 185 0.58 1.69 3.13
CA SER A 185 1.47 2.72 3.64
C SER A 185 1.07 4.10 3.13
N ASP A 186 1.61 5.12 3.79
CA ASP A 186 1.33 6.49 3.40
C ASP A 186 1.98 6.81 2.06
N LYS A 187 1.30 7.63 1.27
CA LYS A 187 1.81 8.01 -0.04
C LYS A 187 2.97 8.99 0.11
N PHE A 188 4.07 8.74 -0.61
CA PHE A 188 5.24 9.59 -0.57
C PHE A 188 5.61 10.00 -1.99
N ARG A 189 5.86 11.29 -2.19
CA ARG A 189 6.19 11.82 -3.51
C ARG A 189 7.70 11.81 -3.70
N ILE A 190 8.17 11.10 -4.72
CA ILE A 190 9.57 11.06 -5.10
C ILE A 190 9.69 11.69 -6.48
N ALA A 191 10.53 12.72 -6.58
CA ALA A 191 10.69 13.47 -7.83
C ALA A 191 11.98 13.04 -8.50
N VAL A 192 11.85 12.40 -9.67
CA VAL A 192 12.98 12.01 -10.49
C VAL A 192 13.00 12.94 -11.70
N VAL A 193 13.92 13.90 -11.69
CA VAL A 193 14.00 14.94 -12.70
C VAL A 193 15.45 15.09 -13.13
N LYS A 194 15.69 16.08 -13.99
CA LYS A 194 17.03 16.37 -14.49
C LYS A 194 17.81 17.14 -13.43
N ALA A 195 18.96 17.70 -13.83
CA ALA A 195 19.81 18.44 -12.91
C ALA A 195 19.17 19.73 -12.41
N TYR A 196 17.92 20.02 -12.79
CA TYR A 196 17.22 21.22 -12.33
C TYR A 196 16.72 21.00 -10.90
N LYS A 197 17.67 20.94 -9.97
CA LYS A 197 17.31 20.86 -8.56
C LYS A 197 16.58 22.12 -8.12
N CYS A 198 17.11 23.30 -8.50
CA CYS A 198 16.45 24.59 -8.38
C CYS A 198 16.15 25.00 -6.93
N LYS A 199 15.77 26.28 -6.77
CA LYS A 199 15.34 26.92 -5.53
C LYS A 199 15.49 28.42 -5.68
N TYR A 200 16.68 28.88 -6.07
CA TYR A 200 16.98 30.30 -6.22
C TYR A 200 17.06 30.75 -7.68
N TYR A 201 16.33 30.09 -8.58
CA TYR A 201 16.28 30.56 -9.97
C TYR A 201 15.66 31.94 -10.06
N TRP A 202 14.82 32.31 -9.07
CA TRP A 202 14.23 33.64 -9.08
C TRP A 202 15.30 34.71 -8.88
N LEU A 203 16.43 34.36 -8.27
CA LEU A 203 17.56 35.29 -8.21
C LEU A 203 18.23 35.43 -9.57
N GLN A 204 18.33 34.31 -10.29
CA GLN A 204 18.79 34.37 -11.68
C GLN A 204 17.83 35.22 -12.52
N LEU A 205 16.76 35.64 -11.88
CA LEU A 205 16.08 36.76 -12.54
C LEU A 205 16.83 38.00 -12.10
N ILE A 206 17.75 37.89 -11.15
CA ILE A 206 18.34 39.16 -10.66
C ILE A 206 19.12 39.94 -11.70
N PHE A 207 19.96 39.36 -12.52
CA PHE A 207 20.73 40.26 -13.40
C PHE A 207 19.77 40.91 -14.37
N PRO A 208 18.82 40.16 -14.91
CA PRO A 208 17.90 40.74 -15.82
C PRO A 208 17.10 41.85 -15.15
N LEU A 209 16.61 41.58 -13.95
CA LEU A 209 15.80 42.57 -13.23
C LEU A 209 16.65 43.79 -12.92
N LEU A 210 17.88 43.55 -12.50
CA LEU A 210 18.70 44.69 -12.10
C LEU A 210 18.94 45.51 -13.34
N VAL A 211 19.27 44.90 -14.47
CA VAL A 211 19.52 45.73 -15.67
C VAL A 211 18.23 46.45 -16.06
N ALA A 212 17.09 45.79 -15.96
CA ALA A 212 15.86 46.47 -16.35
C ALA A 212 15.68 47.69 -15.46
N ILE A 213 15.84 47.54 -14.17
CA ILE A 213 15.73 48.69 -13.24
C ILE A 213 16.76 49.67 -13.70
N LEU A 214 17.93 49.15 -13.92
CA LEU A 214 18.98 50.06 -14.38
C LEU A 214 18.59 50.70 -15.72
N PHE A 215 18.02 49.91 -16.63
CA PHE A 215 17.62 50.45 -17.93
C PHE A 215 16.44 51.41 -17.78
N ALA A 216 15.55 51.15 -16.83
CA ALA A 216 14.46 52.08 -16.55
C ALA A 216 14.99 53.39 -16.00
N VAL A 217 15.99 53.33 -15.11
CA VAL A 217 16.63 54.53 -14.62
C VAL A 217 17.30 55.29 -15.76
N ASP A 218 17.95 54.56 -16.67
CA ASP A 218 18.54 55.18 -17.85
C ASP A 218 17.49 55.82 -18.75
N THR A 219 16.33 55.19 -18.88
CA THR A 219 15.25 55.77 -19.69
C THR A 219 14.70 57.04 -19.06
N GLY A 220 14.52 57.04 -17.74
CA GLY A 220 14.12 58.26 -17.06
C GLY A 220 15.15 59.36 -17.21
N LEU A 221 16.43 59.00 -17.12
CA LEU A 221 17.50 59.97 -17.33
C LEU A 221 17.47 60.50 -18.76
N LEU A 222 17.19 59.63 -19.74
CA LEU A 222 17.10 60.06 -21.13
C LEU A 222 15.93 61.01 -21.33
N LEU A 223 14.78 60.72 -20.71
CA LEU A 223 13.62 61.60 -20.82
C LEU A 223 13.92 62.97 -20.22
N SER A 224 14.51 62.99 -19.02
CA SER A 224 14.86 64.25 -18.39
C SER A 224 15.91 65.01 -19.22
N THR A 225 16.89 64.29 -19.76
CA THR A 225 17.94 64.91 -20.55
C THR A 225 17.38 65.53 -21.82
N GLU A 226 16.46 64.83 -22.51
CA GLU A 226 15.90 65.40 -23.73
C GLU A 226 14.94 66.54 -23.43
N GLU A 227 14.19 66.48 -22.33
CA GLU A 227 13.34 67.61 -21.96
C GLU A 227 14.19 68.84 -21.65
N GLN A 228 15.27 68.66 -20.88
CA GLN A 228 16.15 69.78 -20.58
C GLN A 228 16.89 70.26 -21.82
N PHE A 229 17.20 69.35 -22.74
CA PHE A 229 17.84 69.75 -23.99
C PHE A 229 16.91 70.63 -24.83
N LYS A 230 15.64 70.25 -24.92
CA LYS A 230 14.68 71.10 -25.62
C LYS A 230 14.53 72.44 -24.91
N SER A 231 14.44 72.42 -23.58
CA SER A 231 14.27 73.66 -22.83
C SER A 231 15.45 74.61 -23.06
N VAL A 232 16.68 74.08 -22.99
CA VAL A 232 17.84 74.92 -23.26
C VAL A 232 17.89 75.33 -24.72
N LEU A 233 17.36 74.49 -25.62
CA LEU A 233 17.27 74.85 -27.02
C LEU A 233 16.38 76.06 -27.26
N GLU A 234 15.30 76.21 -26.49
CA GLU A 234 14.62 77.51 -26.48
C GLU A 234 15.35 78.56 -25.63
N ILE A 235 16.25 78.13 -24.75
CA ILE A 235 16.98 79.09 -23.92
C ILE A 235 18.22 79.60 -24.65
N GLN A 236 19.06 78.70 -25.15
CA GLN A 236 20.31 79.09 -25.80
C GLN A 236 20.14 79.35 -27.30
N LYS A 237 18.91 79.46 -27.78
CA LYS A 237 18.65 79.74 -29.18
C LYS A 237 19.20 81.10 -29.60
N PRO B 22 15.96 29.58 -18.66
CA PRO B 22 16.52 29.50 -20.01
C PRO B 22 15.79 30.38 -21.01
N GLN B 23 14.62 29.93 -21.48
CA GLN B 23 13.86 30.71 -22.46
C GLN B 23 13.42 32.06 -21.89
N LEU B 24 13.15 32.10 -20.58
CA LEU B 24 12.73 33.36 -19.97
C LEU B 24 13.86 34.40 -20.02
N CYS B 25 15.06 34.02 -19.57
CA CYS B 25 16.16 34.97 -19.65
C CYS B 25 16.54 35.26 -21.10
N TYR B 26 16.25 34.32 -22.01
CA TYR B 26 16.51 34.57 -23.42
C TYR B 26 15.58 35.65 -23.98
N ILE B 27 14.28 35.57 -23.69
CA ILE B 27 13.36 36.58 -24.20
C ILE B 27 13.61 37.93 -23.52
N LEU B 28 13.95 37.92 -22.24
CA LEU B 28 14.34 39.17 -21.58
C LEU B 28 15.61 39.73 -22.20
N ASP B 29 16.57 38.87 -22.56
CA ASP B 29 17.77 39.33 -23.23
C ASP B 29 17.44 39.95 -24.58
N ALA B 30 16.53 39.35 -25.33
CA ALA B 30 16.15 39.89 -26.63
C ALA B 30 15.51 41.26 -26.49
N VAL B 31 14.52 41.38 -25.60
CA VAL B 31 13.84 42.66 -25.45
C VAL B 31 14.81 43.71 -24.89
N LEU B 32 15.74 43.32 -24.02
CA LEU B 32 16.71 44.25 -23.47
C LEU B 32 17.74 44.68 -24.50
N PHE B 33 18.15 43.79 -25.41
CA PHE B 33 19.02 44.20 -26.50
C PHE B 33 18.30 45.17 -27.44
N LEU B 34 17.03 44.92 -27.73
CA LEU B 34 16.28 45.88 -28.54
C LEU B 34 16.18 47.23 -27.84
N TYR B 35 15.89 47.22 -26.54
CA TYR B 35 15.81 48.46 -25.77
C TYR B 35 17.16 49.19 -25.75
N GLY B 36 18.24 48.44 -25.56
CA GLY B 36 19.56 49.07 -25.55
C GLY B 36 19.95 49.63 -26.90
N ILE B 37 19.58 48.95 -27.98
CA ILE B 37 19.85 49.48 -29.32
C ILE B 37 19.07 50.76 -29.55
N VAL B 38 17.79 50.79 -29.15
CA VAL B 38 16.98 51.99 -29.30
C VAL B 38 17.57 53.15 -28.49
N LEU B 39 17.94 52.87 -27.24
CA LEU B 39 18.52 53.90 -26.39
C LEU B 39 19.86 54.38 -26.92
N THR B 40 20.69 53.47 -27.46
CA THR B 40 21.96 53.88 -28.05
C THR B 40 21.75 54.76 -29.26
N LEU B 41 20.77 54.43 -30.11
CA LEU B 41 20.49 55.27 -31.27
C LEU B 41 20.00 56.65 -30.84
N LEU B 42 19.10 56.72 -29.86
CA LEU B 42 18.64 58.01 -29.37
C LEU B 42 19.77 58.80 -28.74
N TYR B 43 20.64 58.13 -27.98
CA TYR B 43 21.79 58.81 -27.38
C TYR B 43 22.72 59.35 -28.45
N CYS B 44 22.96 58.57 -29.51
CA CYS B 44 23.82 59.05 -30.59
C CYS B 44 23.21 60.27 -31.28
N ARG B 45 21.90 60.23 -31.52
CA ARG B 45 21.24 61.39 -32.15
C ARG B 45 21.34 62.62 -31.26
N LEU B 46 21.07 62.45 -29.96
CA LEU B 46 21.14 63.59 -29.05
C LEU B 46 22.56 64.12 -28.91
N LYS B 47 23.55 63.22 -28.88
CA LYS B 47 24.94 63.65 -28.79
C LYS B 47 25.36 64.40 -30.03
N ILE B 48 24.92 63.93 -31.22
CA ILE B 48 25.23 64.65 -32.45
C ILE B 48 24.59 66.04 -32.43
N GLN B 49 23.34 66.12 -31.97
CA GLN B 49 22.66 67.42 -31.92
C GLN B 49 23.36 68.37 -30.96
N VAL B 50 23.73 67.88 -29.77
CA VAL B 50 24.37 68.75 -28.79
C VAL B 50 25.78 69.13 -29.23
N ARG B 51 26.48 68.24 -29.93
CA ARG B 51 27.80 68.59 -30.46
C ARG B 51 27.69 69.65 -31.54
N LYS B 52 26.68 69.54 -32.42
CA LYS B 52 26.46 70.58 -33.42
C LYS B 52 26.12 71.90 -32.77
N ALA B 53 25.28 71.87 -31.73
CA ALA B 53 24.93 73.11 -31.02
C ALA B 53 26.15 73.73 -30.37
N ALA B 54 27.01 72.91 -29.75
CA ALA B 54 28.22 73.43 -29.12
C ALA B 54 29.17 74.01 -30.17
N ILE B 55 29.31 73.35 -31.32
CA ILE B 55 30.18 73.87 -32.37
C ILE B 55 29.65 75.20 -32.89
N ALA B 56 28.32 75.30 -33.08
CA ALA B 56 27.74 76.57 -33.49
C ALA B 56 27.92 77.65 -32.43
N SER B 57 27.90 77.27 -31.15
CA SER B 57 28.10 78.24 -30.08
C SER B 57 29.54 78.76 -30.05
N ARG B 58 30.49 77.94 -30.48
CA ARG B 58 31.89 78.35 -30.50
C ARG B 58 32.17 79.28 -31.67
N GLY C 20 26.37 23.46 -19.35
CA GLY C 20 25.92 23.51 -20.72
C GLY C 20 24.90 24.60 -20.96
N GLU C 21 23.67 24.38 -20.51
CA GLU C 21 22.60 25.35 -20.67
C GLU C 21 22.69 26.57 -19.73
N PRO C 22 23.14 26.45 -18.46
CA PRO C 22 23.07 27.62 -17.58
C PRO C 22 24.20 28.61 -17.82
N GLN C 23 25.35 28.13 -18.27
CA GLN C 23 26.51 29.01 -18.48
C GLN C 23 26.26 30.00 -19.61
N LEU C 24 25.49 29.61 -20.63
CA LEU C 24 25.17 30.52 -21.71
C LEU C 24 24.40 31.73 -21.22
N CYS C 25 23.31 31.50 -20.49
CA CYS C 25 22.56 32.60 -19.90
C CYS C 25 23.35 33.33 -18.82
N TYR C 26 24.28 32.59 -18.22
CA TYR C 26 25.17 33.19 -17.22
C TYR C 26 25.92 34.31 -17.93
N ILE C 27 26.74 33.96 -18.89
CA ILE C 27 27.57 34.93 -19.63
C ILE C 27 26.70 35.99 -20.29
N LEU C 28 25.50 35.60 -20.74
CA LEU C 28 24.57 36.55 -21.32
C LEU C 28 24.21 37.64 -20.32
N ASP C 29 23.85 37.26 -19.10
CA ASP C 29 23.53 38.24 -18.07
C ASP C 29 24.75 39.06 -17.68
N ALA C 30 25.94 38.44 -17.64
CA ALA C 30 27.14 39.19 -17.32
C ALA C 30 27.42 40.29 -18.34
N VAL C 31 27.33 39.94 -19.63
CA VAL C 31 27.58 40.96 -20.66
C VAL C 31 26.46 41.98 -20.69
N LEU C 32 25.21 41.58 -20.39
CA LEU C 32 24.12 42.53 -20.28
C LEU C 32 24.39 43.54 -19.18
N PHE C 33 24.85 43.07 -18.01
CA PHE C 33 25.15 43.97 -16.90
C PHE C 33 26.30 44.90 -17.24
N LEU C 34 27.34 44.38 -17.91
CA LEU C 34 28.47 45.22 -18.30
C LEU C 34 28.03 46.32 -19.26
N TYR C 35 27.25 45.95 -20.28
CA TYR C 35 26.75 46.95 -21.22
C TYR C 35 25.83 47.95 -20.55
N GLY C 36 24.99 47.49 -19.63
CA GLY C 36 24.13 48.40 -18.90
C GLY C 36 24.90 49.39 -18.06
N ILE C 37 25.95 48.93 -17.39
CA ILE C 37 26.79 49.83 -16.61
C ILE C 37 27.48 50.85 -17.50
N VAL C 38 28.01 50.40 -18.64
CA VAL C 38 28.68 51.32 -19.56
C VAL C 38 27.69 52.37 -20.05
N LEU C 39 26.49 51.94 -20.44
CA LEU C 39 25.48 52.88 -20.93
C LEU C 39 25.02 53.83 -19.83
N THR C 40 24.94 53.35 -18.59
CA THR C 40 24.54 54.21 -17.48
C THR C 40 25.58 55.29 -17.22
N LEU C 41 26.86 54.92 -17.22
CA LEU C 41 27.91 55.94 -17.08
C LEU C 41 27.87 56.92 -18.26
N LEU C 42 27.64 56.41 -19.47
CA LEU C 42 27.56 57.31 -20.62
C LEU C 42 26.41 58.29 -20.48
N TYR C 43 25.25 57.81 -20.02
CA TYR C 43 24.09 58.69 -19.87
C TYR C 43 24.29 59.67 -18.72
N CYS C 44 24.94 59.25 -17.64
CA CYS C 44 25.27 60.17 -16.56
C CYS C 44 26.21 61.27 -17.03
N ARG C 45 27.21 60.90 -17.84
CA ARG C 45 28.10 61.91 -18.42
C ARG C 45 27.33 62.87 -19.33
N LEU C 46 26.40 62.34 -20.13
CA LEU C 46 25.59 63.20 -20.98
C LEU C 46 24.74 64.16 -20.15
N LYS C 47 24.13 63.66 -19.07
CA LYS C 47 23.33 64.51 -18.20
C LYS C 47 24.17 65.59 -17.55
N ILE C 48 25.36 65.23 -17.07
CA ILE C 48 26.25 66.22 -16.45
C ILE C 48 26.65 67.29 -17.47
N GLN C 49 27.00 66.85 -18.68
CA GLN C 49 27.40 67.79 -19.73
C GLN C 49 26.26 68.74 -20.09
N VAL C 50 25.05 68.20 -20.26
CA VAL C 50 23.94 69.04 -20.68
C VAL C 50 23.54 69.99 -19.55
N ARG C 51 23.75 69.59 -18.30
CA ARG C 51 23.30 70.51 -17.25
C ARG C 51 24.34 71.60 -17.23
N LYS C 52 25.62 71.21 -17.22
CA LYS C 52 26.65 72.24 -17.17
C LYS C 52 26.49 73.24 -18.30
N ALA C 53 26.21 72.76 -19.52
CA ALA C 53 26.01 73.66 -20.64
C ALA C 53 24.81 74.57 -20.43
N ALA C 54 23.70 74.00 -19.95
CA ALA C 54 22.50 74.80 -19.72
C ALA C 54 22.72 75.85 -18.64
N ILE C 55 23.37 75.48 -17.54
CA ILE C 55 23.59 76.43 -16.47
C ILE C 55 24.57 77.52 -16.89
N ALA C 56 25.61 77.16 -17.66
CA ALA C 56 26.54 78.16 -18.14
C ALA C 56 25.87 79.12 -19.11
N SER C 57 25.05 78.61 -20.02
CA SER C 57 24.36 79.47 -20.98
C SER C 57 23.37 80.39 -20.27
N ARG C 58 22.64 79.87 -19.28
CA ARG C 58 21.68 80.69 -18.56
C ARG C 58 22.39 81.77 -17.74
N GLU C 59 23.51 81.43 -17.11
CA GLU C 59 24.25 82.41 -16.33
C GLU C 59 24.86 83.49 -17.22
N LYS C 60 25.40 83.10 -18.38
CA LYS C 60 26.04 84.08 -19.25
C LYS C 60 25.02 84.97 -19.95
N ALA C 61 23.92 84.39 -20.43
CA ALA C 61 22.92 85.18 -21.14
C ALA C 61 22.12 86.06 -20.20
N ASP C 62 21.74 85.53 -19.05
CA ASP C 62 20.95 86.28 -18.08
C ASP C 62 21.83 86.91 -17.01
N GLN D 40 45.69 72.66 -20.56
CA GLN D 40 46.30 72.41 -19.25
C GLN D 40 45.89 71.03 -18.73
N THR D 41 45.91 70.04 -19.62
CA THR D 41 45.56 68.65 -19.36
C THR D 41 44.47 68.47 -18.30
N TRP D 42 44.75 67.71 -17.24
CA TRP D 42 43.72 67.40 -16.25
C TRP D 42 43.23 68.64 -15.53
N ARG D 43 44.08 69.68 -15.39
CA ARG D 43 43.65 70.90 -14.71
C ARG D 43 42.44 71.52 -15.39
N THR D 44 42.39 71.45 -16.72
CA THR D 44 41.23 71.93 -17.45
C THR D 44 40.19 70.84 -17.71
N PHE D 45 40.60 69.57 -17.71
CA PHE D 45 39.65 68.50 -17.97
C PHE D 45 38.75 68.22 -16.78
N LEU D 46 39.20 68.54 -15.56
CA LEU D 46 38.50 68.11 -14.35
C LEU D 46 37.12 68.73 -14.19
N LYS D 47 36.86 69.88 -14.83
CA LYS D 47 35.65 70.65 -14.55
C LYS D 47 34.38 69.83 -14.76
N LYS D 48 34.42 68.85 -15.66
CA LYS D 48 33.31 67.92 -15.83
C LYS D 48 33.61 66.52 -15.32
N GLU D 49 34.88 66.12 -15.35
CA GLU D 49 35.26 64.78 -14.89
C GLU D 49 34.96 64.59 -13.42
N LEU D 50 35.12 65.63 -12.60
CA LEU D 50 34.83 65.50 -11.18
C LEU D 50 33.37 65.14 -10.95
N GLU D 51 32.46 65.85 -11.60
CA GLU D 51 31.04 65.54 -11.48
C GLU D 51 30.71 64.17 -12.06
N PHE D 52 31.31 63.84 -13.20
CA PHE D 52 31.03 62.55 -13.82
C PHE D 52 31.45 61.40 -12.92
N LEU D 53 32.64 61.49 -12.33
CA LEU D 53 33.11 60.41 -11.46
C LEU D 53 32.37 60.39 -10.13
N GLY D 54 31.89 61.56 -9.67
CA GLY D 54 31.02 61.55 -8.49
C GLY D 54 29.71 60.84 -8.74
N ALA D 55 29.10 61.10 -9.89
CA ALA D 55 27.88 60.38 -10.26
C ALA D 55 28.15 58.88 -10.41
N THR D 56 29.31 58.53 -10.97
CA THR D 56 29.69 57.12 -11.05
C THR D 56 29.82 56.50 -9.67
N GLN D 57 30.41 57.24 -8.71
CA GLN D 57 30.51 56.75 -7.35
C GLN D 57 29.12 56.53 -6.74
N ILE D 58 28.21 57.47 -6.97
CA ILE D 58 26.84 57.32 -6.46
C ILE D 58 26.20 56.06 -7.04
N LEU D 59 26.35 55.85 -8.35
CA LEU D 59 25.77 54.66 -8.98
C LEU D 59 26.36 53.39 -8.40
N VAL D 60 27.69 53.33 -8.27
CA VAL D 60 28.35 52.14 -7.74
C VAL D 60 27.87 51.87 -6.33
N GLY D 61 27.77 52.91 -5.50
CA GLY D 61 27.24 52.72 -4.15
C GLY D 61 25.83 52.20 -4.14
N LEU D 62 24.98 52.69 -5.05
CA LEU D 62 23.59 52.25 -5.09
C LEU D 62 23.48 50.77 -5.44
N ILE D 63 24.17 50.32 -6.49
CA ILE D 63 24.08 48.90 -6.84
C ILE D 63 24.79 48.03 -5.80
N CYS D 64 25.85 48.52 -5.17
CA CYS D 64 26.48 47.75 -4.10
C CYS D 64 25.54 47.58 -2.91
N LEU D 65 24.83 48.64 -2.54
CA LEU D 65 23.84 48.55 -1.49
C LEU D 65 22.71 47.60 -1.88
N CYS D 66 22.31 47.63 -3.15
CA CYS D 66 21.28 46.72 -3.63
C CYS D 66 21.72 45.26 -3.47
N PHE D 67 22.94 44.95 -3.90
CA PHE D 67 23.48 43.61 -3.68
C PHE D 67 23.50 43.24 -2.20
N GLY D 68 23.99 44.15 -1.36
CA GLY D 68 24.06 43.84 0.06
C GLY D 68 22.71 43.52 0.65
N THR D 69 21.72 44.37 0.39
CA THR D 69 20.37 44.16 0.93
C THR D 69 19.76 42.87 0.40
N ILE D 70 19.87 42.63 -0.91
CA ILE D 70 19.22 41.46 -1.51
C ILE D 70 19.84 40.17 -0.97
N VAL D 71 21.18 40.12 -0.92
CA VAL D 71 21.84 38.90 -0.49
C VAL D 71 21.63 38.67 1.00
N CYS D 72 21.65 39.75 1.80
CA CYS D 72 21.40 39.59 3.23
C CYS D 72 19.97 39.14 3.51
N SER D 73 19.01 39.58 2.69
CA SER D 73 17.63 39.18 2.89
C SER D 73 17.38 37.75 2.42
N VAL D 74 18.03 37.34 1.33
CA VAL D 74 17.73 36.06 0.69
C VAL D 74 18.76 34.99 1.03
N LEU D 75 20.05 35.31 0.88
CA LEU D 75 21.11 34.31 0.95
C LEU D 75 21.86 34.36 2.27
N TYR D 76 21.15 34.51 3.39
CA TYR D 76 21.76 34.52 4.70
C TYR D 76 21.14 33.47 5.62
N VAL D 77 20.94 32.27 5.09
CA VAL D 77 20.41 31.16 5.88
C VAL D 77 21.58 30.41 6.52
N SER D 78 21.29 29.73 7.63
CA SER D 78 22.32 29.00 8.36
C SER D 78 22.72 27.71 7.67
N ASP D 79 21.92 27.20 6.73
CA ASP D 79 22.27 25.96 6.05
C ASP D 79 23.54 26.10 5.24
N PHE D 80 23.71 27.23 4.55
CA PHE D 80 24.90 27.47 3.76
C PHE D 80 26.07 27.84 4.67
N ASP D 81 27.28 27.56 4.18
CA ASP D 81 28.48 27.77 4.98
C ASP D 81 28.84 29.25 5.05
N GLU D 82 29.87 29.56 5.83
CA GLU D 82 30.29 30.93 6.06
C GLU D 82 31.48 31.35 5.18
N GLU D 83 32.35 30.42 4.81
CA GLU D 83 33.51 30.76 4.00
C GLU D 83 33.11 31.22 2.60
N VAL D 84 32.05 30.65 2.04
CA VAL D 84 31.61 31.04 0.71
C VAL D 84 31.11 32.48 0.70
N LEU D 85 30.46 32.92 1.78
CA LEU D 85 30.00 34.30 1.90
C LEU D 85 30.99 35.11 2.74
N LEU D 86 32.21 35.24 2.21
CA LEU D 86 33.23 36.01 2.90
C LEU D 86 32.88 37.48 2.97
N LEU D 87 32.37 38.05 1.87
CA LEU D 87 31.99 39.46 1.86
C LEU D 87 30.81 39.71 2.79
N TYR D 88 29.83 38.82 2.80
CA TYR D 88 28.62 39.01 3.59
C TYR D 88 28.74 38.40 4.98
N LYS D 89 29.86 38.70 5.64
CA LYS D 89 30.06 38.27 7.03
C LYS D 89 30.63 39.35 7.93
N LEU D 90 31.32 40.36 7.40
CA LEU D 90 31.92 41.41 8.22
C LEU D 90 31.21 42.74 8.09
N GLY D 91 30.10 42.80 7.36
CA GLY D 91 29.41 44.06 7.12
C GLY D 91 30.04 44.93 6.07
N TYR D 92 30.95 44.39 5.25
CA TYR D 92 31.60 45.19 4.22
C TYR D 92 30.65 45.80 3.22
N PRO D 93 29.65 45.10 2.66
CA PRO D 93 28.79 45.74 1.64
C PRO D 93 28.10 47.01 2.13
N PHE D 94 27.44 46.95 3.29
CA PHE D 94 26.71 48.11 3.79
C PHE D 94 27.65 49.26 4.11
N TRP D 95 28.77 48.97 4.77
CA TRP D 95 29.73 50.02 5.14
C TRP D 95 30.32 50.68 3.89
N GLY D 96 30.71 49.87 2.92
CA GLY D 96 31.27 50.43 1.69
C GLY D 96 30.26 51.24 0.91
N ALA D 97 29.01 50.76 0.83
CA ALA D 97 27.98 51.51 0.14
C ALA D 97 27.71 52.84 0.84
N VAL D 98 27.67 52.84 2.17
CA VAL D 98 27.44 54.07 2.92
C VAL D 98 28.58 55.05 2.67
N LEU D 99 29.82 54.57 2.73
CA LEU D 99 30.96 55.45 2.49
C LEU D 99 30.94 56.02 1.08
N PHE D 100 30.66 55.18 0.07
CA PHE D 100 30.63 55.65 -1.30
C PHE D 100 29.52 56.69 -1.50
N VAL D 101 28.33 56.42 -0.96
CA VAL D 101 27.22 57.35 -1.13
C VAL D 101 27.53 58.68 -0.46
N LEU D 102 28.06 58.64 0.77
CA LEU D 102 28.37 59.88 1.48
C LEU D 102 29.44 60.67 0.76
N SER D 103 30.51 60.01 0.32
CA SER D 103 31.59 60.71 -0.38
C SER D 103 31.11 61.30 -1.70
N GLY D 104 30.34 60.53 -2.47
CA GLY D 104 29.83 61.05 -3.73
C GLY D 104 28.87 62.20 -3.55
N PHE D 105 28.01 62.12 -2.53
CA PHE D 105 27.10 63.22 -2.24
C PHE D 105 27.86 64.47 -1.84
N LEU D 106 28.90 64.33 -1.01
CA LEU D 106 29.72 65.47 -0.65
C LEU D 106 30.40 66.07 -1.88
N SER D 107 30.91 65.21 -2.76
CA SER D 107 31.55 65.70 -3.97
C SER D 107 30.56 66.45 -4.86
N ILE D 108 29.34 65.93 -5.00
CA ILE D 108 28.33 66.59 -5.82
C ILE D 108 27.96 67.94 -5.24
N ILE D 109 27.78 68.00 -3.91
CA ILE D 109 27.44 69.28 -3.29
C ILE D 109 28.58 70.28 -3.43
N SER D 110 29.82 69.81 -3.27
CA SER D 110 30.97 70.71 -3.39
C SER D 110 31.17 71.20 -4.82
N GLU D 111 30.81 70.39 -5.82
CA GLU D 111 30.98 70.80 -7.21
C GLU D 111 30.12 71.99 -7.57
N ARG D 112 29.08 72.30 -6.78
CA ARG D 112 28.27 73.49 -6.98
C ARG D 112 28.79 74.69 -6.19
N LYS D 113 29.99 74.59 -5.62
CA LYS D 113 30.62 75.67 -4.87
C LYS D 113 29.76 76.09 -3.68
N ASN D 114 29.57 75.16 -2.76
CA ASN D 114 28.76 75.38 -1.56
C ASN D 114 29.68 75.69 -0.39
N THR D 115 29.67 76.97 0.05
CA THR D 115 30.37 77.45 1.23
C THR D 115 31.88 77.34 1.12
N LEU D 116 32.38 76.82 -0.01
CA LEU D 116 33.83 76.70 -0.27
C LEU D 116 34.54 75.95 0.85
N TYR D 117 33.84 75.03 1.50
CA TYR D 117 34.40 74.25 2.59
C TYR D 117 34.37 72.74 2.35
N LEU D 118 33.41 72.25 1.58
CA LEU D 118 33.26 70.81 1.37
C LEU D 118 34.35 70.21 0.50
N VAL D 119 35.24 71.01 -0.07
CA VAL D 119 36.31 70.46 -0.89
C VAL D 119 37.23 69.56 -0.05
N ARG D 120 37.63 70.04 1.13
CA ARG D 120 38.51 69.24 1.98
C ARG D 120 37.79 68.03 2.55
N GLY D 121 36.51 68.20 2.92
CA GLY D 121 35.75 67.06 3.41
C GLY D 121 35.60 65.97 2.37
N SER D 122 35.30 66.35 1.13
CA SER D 122 35.20 65.36 0.05
C SER D 122 36.55 64.72 -0.23
N LEU D 123 37.63 65.52 -0.20
CA LEU D 123 38.96 64.96 -0.40
C LEU D 123 39.27 63.90 0.64
N GLY D 124 39.02 64.21 1.92
CA GLY D 124 39.27 63.23 2.96
C GLY D 124 38.37 62.02 2.88
N ALA D 125 37.09 62.23 2.54
CA ALA D 125 36.16 61.12 2.40
C ALA D 125 36.60 60.16 1.31
N ASN D 126 37.00 60.68 0.15
CA ASN D 126 37.46 59.78 -0.91
C ASN D 126 38.86 59.24 -0.61
N ILE D 127 39.66 59.94 0.19
CA ILE D 127 40.95 59.39 0.60
C ILE D 127 40.75 58.13 1.44
N VAL D 128 39.84 58.20 2.43
CA VAL D 128 39.56 57.01 3.23
C VAL D 128 38.79 55.99 2.39
N SER D 129 38.02 56.45 1.40
CA SER D 129 37.34 55.52 0.51
C SER D 129 38.33 54.75 -0.35
N SER D 130 39.50 55.31 -0.61
CA SER D 130 40.53 54.57 -1.34
C SER D 130 40.96 53.33 -0.55
N ILE D 131 41.23 53.51 0.75
CA ILE D 131 41.57 52.37 1.60
C ILE D 131 40.39 51.42 1.73
N ALA D 132 39.17 51.97 1.80
CA ALA D 132 37.98 51.12 1.85
C ALA D 132 37.87 50.25 0.60
N ALA D 133 38.13 50.84 -0.57
CA ALA D 133 38.08 50.09 -1.82
C ALA D 133 39.20 49.08 -1.92
N GLY D 134 40.39 49.40 -1.39
CA GLY D 134 41.45 48.42 -1.35
C GLY D 134 41.11 47.22 -0.48
N THR D 135 40.53 47.48 0.70
CA THR D 135 40.07 46.40 1.56
C THR D 135 38.97 45.59 0.89
N GLY D 136 38.06 46.26 0.18
CA GLY D 136 37.02 45.56 -0.55
C GLY D 136 37.58 44.69 -1.66
N ILE D 137 38.62 45.17 -2.34
CA ILE D 137 39.27 44.36 -3.37
C ILE D 137 39.94 43.14 -2.76
N ALA D 138 40.60 43.31 -1.61
CA ALA D 138 41.21 42.17 -0.94
C ALA D 138 40.15 41.14 -0.53
N MET D 139 39.04 41.61 0.04
CA MET D 139 37.96 40.69 0.40
C MET D 139 37.37 40.02 -0.82
N LEU D 140 37.25 40.77 -1.93
CA LEU D 140 36.69 40.22 -3.16
C LEU D 140 37.58 39.12 -3.72
N ILE D 141 38.90 39.33 -3.74
CA ILE D 141 39.79 38.30 -4.27
C ILE D 141 39.83 37.08 -3.34
N LEU D 142 39.76 37.31 -2.02
CA LEU D 142 39.69 36.19 -1.09
C LEU D 142 38.43 35.37 -1.31
N ASN D 143 37.29 36.03 -1.47
CA ASN D 143 36.04 35.32 -1.75
C ASN D 143 36.10 34.64 -3.11
N LEU D 144 36.75 35.26 -4.09
CA LEU D 144 36.86 34.66 -5.41
C LEU D 144 37.66 33.37 -5.37
N THR D 145 38.79 33.37 -4.66
CA THR D 145 39.58 32.13 -4.58
C THR D 145 38.87 31.08 -3.72
N ASN D 146 38.17 31.49 -2.67
CA ASN D 146 37.39 30.53 -1.90
C ASN D 146 36.30 29.88 -2.74
N ASN D 147 35.60 30.70 -3.54
CA ASN D 147 34.56 30.16 -4.42
C ASN D 147 35.14 29.30 -5.53
N PHE D 148 36.33 29.65 -6.02
CA PHE D 148 37.00 28.79 -7.00
C PHE D 148 37.33 27.43 -6.40
N ALA D 149 37.83 27.42 -5.15
CA ALA D 149 38.07 26.14 -4.48
C ALA D 149 36.79 25.35 -4.29
N TYR D 150 35.71 26.03 -3.89
CA TYR D 150 34.44 25.35 -3.70
C TYR D 150 33.92 24.77 -5.00
N MET D 151 34.02 25.52 -6.11
CA MET D 151 33.58 25.02 -7.40
C MET D 151 34.46 23.88 -7.88
N ASN D 152 35.76 23.91 -7.55
CA ASN D 152 36.61 22.76 -7.81
C ASN D 152 36.14 21.54 -7.04
N ASN D 153 35.69 21.74 -5.80
CA ASN D 153 35.09 20.64 -5.05
C ASN D 153 33.82 20.14 -5.72
N CYS D 154 33.00 21.05 -6.25
CA CYS D 154 31.82 20.64 -7.00
C CYS D 154 32.25 19.91 -8.26
N LYS D 155 31.49 18.87 -8.62
CA LYS D 155 31.85 18.02 -9.75
C LYS D 155 30.79 18.03 -10.85
N ASN D 156 29.51 17.94 -10.50
CA ASN D 156 28.44 17.83 -11.47
C ASN D 156 27.86 19.18 -11.88
N VAL D 157 28.55 20.28 -11.55
CA VAL D 157 28.13 21.63 -11.93
C VAL D 157 26.76 21.94 -11.36
N THR D 158 26.74 22.47 -10.13
CA THR D 158 25.50 22.82 -9.42
C THR D 158 24.58 21.60 -9.27
N GLU D 159 25.10 20.60 -8.55
CA GLU D 159 24.36 19.37 -8.27
C GLU D 159 23.59 19.45 -6.95
N ASP D 160 23.61 20.60 -6.28
CA ASP D 160 22.89 20.78 -5.04
C ASP D 160 22.73 22.28 -4.81
N ASP D 161 22.10 22.62 -3.67
CA ASP D 161 21.92 24.03 -3.33
C ASP D 161 23.26 24.72 -3.09
N GLY D 162 24.21 24.02 -2.47
CA GLY D 162 25.47 24.64 -2.12
C GLY D 162 26.26 25.12 -3.33
N CYS D 163 26.39 24.26 -4.34
CA CYS D 163 27.15 24.64 -5.52
C CYS D 163 26.44 25.74 -6.31
N PHE D 164 25.11 25.69 -6.37
CA PHE D 164 24.37 26.72 -7.08
C PHE D 164 24.51 28.08 -6.40
N VAL D 165 24.40 28.11 -5.08
CA VAL D 165 24.57 29.39 -4.38
C VAL D 165 26.02 29.82 -4.42
N ALA D 166 26.96 28.88 -4.54
CA ALA D 166 28.36 29.27 -4.73
C ALA D 166 28.56 29.94 -6.09
N SER D 167 27.94 29.42 -7.13
CA SER D 167 27.99 30.07 -8.44
C SER D 167 27.34 31.45 -8.39
N PHE D 168 26.21 31.55 -7.69
CA PHE D 168 25.56 32.85 -7.52
C PHE D 168 26.48 33.83 -6.78
N THR D 169 27.15 33.35 -5.73
CA THR D 169 28.07 34.19 -4.96
C THR D 169 29.27 34.62 -5.81
N THR D 170 29.79 33.73 -6.66
CA THR D 170 30.93 34.12 -7.47
C THR D 170 30.53 35.07 -8.60
N GLU D 171 29.27 35.00 -8.96
CA GLU D 171 28.74 35.94 -9.93
C GLU D 171 28.84 37.28 -9.23
N LEU D 172 28.15 37.31 -8.11
CA LEU D 172 28.11 38.54 -7.32
C LEU D 172 29.51 39.10 -7.10
N VAL D 173 30.48 38.20 -6.88
CA VAL D 173 31.86 38.63 -6.65
C VAL D 173 32.42 39.30 -7.90
N LEU D 174 32.16 38.72 -9.08
CA LEU D 174 32.62 39.34 -10.32
C LEU D 174 31.98 40.70 -10.53
N MET D 175 30.68 40.81 -10.30
CA MET D 175 30.09 42.16 -10.48
C MET D 175 30.73 43.11 -9.50
N MET D 176 30.69 42.75 -8.25
CA MET D 176 31.22 43.67 -7.27
C MET D 176 32.67 44.03 -7.53
N LEU D 177 33.45 43.10 -8.11
CA LEU D 177 34.82 43.42 -8.47
C LEU D 177 34.87 44.46 -9.58
N PHE D 178 34.01 44.31 -10.59
CA PHE D 178 33.96 45.32 -11.65
C PHE D 178 33.51 46.67 -11.08
N LEU D 179 32.47 46.67 -10.25
CA LEU D 179 31.97 47.92 -9.69
C LEU D 179 33.00 48.55 -8.76
N THR D 180 33.74 47.74 -8.02
CA THR D 180 34.74 48.26 -7.09
C THR D 180 35.97 48.78 -7.83
N ILE D 181 36.33 48.15 -8.96
CA ILE D 181 37.39 48.70 -9.79
C ILE D 181 36.97 50.06 -10.33
N LEU D 182 35.73 50.18 -10.79
CA LEU D 182 35.24 51.47 -11.26
C LEU D 182 35.26 52.51 -10.13
N ALA D 183 34.80 52.13 -8.94
CA ALA D 183 34.76 53.06 -7.82
C ALA D 183 36.16 53.45 -7.37
N PHE D 184 37.10 52.52 -7.39
CA PHE D 184 38.48 52.82 -7.01
C PHE D 184 39.12 53.76 -8.02
N CYS D 185 38.85 53.57 -9.31
CA CYS D 185 39.34 54.51 -10.31
C CYS D 185 38.74 55.90 -10.08
N SER D 186 37.44 55.95 -9.78
CA SER D 186 36.79 57.23 -9.49
C SER D 186 37.44 57.90 -8.29
N ALA D 187 37.67 57.14 -7.21
CA ALA D 187 38.23 57.70 -6.00
C ALA D 187 39.65 58.19 -6.21
N VAL D 188 40.48 57.41 -6.92
CA VAL D 188 41.86 57.84 -7.12
C VAL D 188 41.93 59.06 -8.03
N LEU D 189 41.08 59.11 -9.06
CA LEU D 189 41.05 60.30 -9.92
C LEU D 189 40.62 61.54 -9.13
N PHE D 190 39.56 61.41 -8.34
CA PHE D 190 39.08 62.55 -7.58
C PHE D 190 40.12 63.00 -6.56
N THR D 191 40.77 62.04 -5.89
CA THR D 191 41.76 62.39 -4.87
C THR D 191 42.97 63.07 -5.49
N ILE D 192 43.49 62.57 -6.62
CA ILE D 192 44.64 63.21 -7.22
C ILE D 192 44.27 64.59 -7.74
N TYR D 193 43.06 64.76 -8.28
CA TYR D 193 42.64 66.08 -8.75
C TYR D 193 42.54 67.06 -7.58
N ARG D 194 41.94 66.63 -6.46
CA ARG D 194 41.79 67.53 -5.33
C ARG D 194 43.11 67.82 -4.65
N ILE D 195 44.05 66.87 -4.69
CA ILE D 195 45.42 67.15 -4.24
C ILE D 195 46.07 68.20 -5.14
N GLY D 196 45.87 68.08 -6.46
CA GLY D 196 46.40 69.08 -7.36
C GLY D 196 45.85 70.47 -7.07
N GLN D 197 44.55 70.56 -6.79
CA GLN D 197 43.98 71.86 -6.42
C GLN D 197 44.50 72.36 -5.08
N GLU D 198 44.64 71.47 -4.09
CA GLU D 198 44.97 71.96 -2.75
C GLU D 198 46.45 72.32 -2.59
N LEU D 199 47.30 72.01 -3.57
CA LEU D 199 48.67 72.54 -3.59
C LEU D 199 48.68 73.96 -4.14
N ASP E 27 3.18 -60.32 8.66
CA ASP E 27 2.54 -59.29 7.84
C ASP E 27 1.55 -58.48 8.67
N PRO E 28 2.06 -57.55 9.47
CA PRO E 28 1.19 -56.76 10.35
C PRO E 28 0.65 -55.51 9.69
N THR E 29 -0.15 -54.74 10.44
CA THR E 29 -0.72 -53.48 9.99
C THR E 29 -0.01 -52.34 10.70
N LEU E 30 0.42 -51.35 9.93
CA LEU E 30 1.19 -50.21 10.41
C LEU E 30 0.29 -49.00 10.54
N GLU E 31 0.47 -48.23 11.61
CA GLU E 31 -0.24 -46.97 11.81
C GLU E 31 0.68 -45.97 12.47
N LEU E 32 1.11 -44.95 11.72
CA LEU E 32 1.98 -43.92 12.24
C LEU E 32 1.17 -42.67 12.52
N LEU E 33 1.19 -42.20 13.77
CA LEU E 33 0.44 -41.01 14.14
C LEU E 33 1.32 -40.10 14.99
N HIS E 34 1.53 -38.88 14.49
CA HIS E 34 2.26 -37.84 15.22
C HIS E 34 1.27 -36.93 15.93
N SER E 35 1.63 -36.55 17.16
CA SER E 35 0.71 -35.88 18.06
C SER E 35 0.48 -34.43 17.65
N SER E 36 -0.23 -33.70 18.51
CA SER E 36 -0.52 -32.30 18.26
C SER E 36 0.53 -31.39 18.88
N CYS E 37 0.31 -30.08 18.76
CA CYS E 37 1.23 -29.05 19.18
C CYS E 37 0.39 -28.00 19.90
N ASP E 38 -0.36 -28.47 20.91
CA ASP E 38 -1.53 -27.87 21.57
C ASP E 38 -1.42 -26.36 21.75
N PRO E 39 -2.41 -25.61 21.25
CA PRO E 39 -2.38 -24.14 21.40
C PRO E 39 -2.60 -23.67 22.82
N ASN E 40 -3.46 -24.35 23.59
CA ASN E 40 -3.87 -23.83 24.90
C ASN E 40 -2.69 -23.76 25.87
N ALA E 41 -1.79 -24.73 25.83
CA ALA E 41 -0.62 -24.75 26.70
C ALA E 41 0.64 -24.65 25.85
N PHE E 42 1.79 -24.78 26.51
CA PHE E 42 3.07 -24.78 25.83
C PHE E 42 3.48 -26.22 25.52
N HIS E 43 3.93 -26.45 24.28
CA HIS E 43 4.28 -27.79 23.83
C HIS E 43 5.64 -27.75 23.16
N SER E 44 6.56 -28.58 23.65
CA SER E 44 7.87 -28.74 23.03
C SER E 44 8.29 -30.20 22.97
N THR E 45 7.35 -31.13 23.12
CA THR E 45 7.60 -32.56 23.19
C THR E 45 6.71 -33.30 22.20
N ILE E 46 6.71 -32.84 20.94
CA ILE E 46 5.88 -33.43 19.89
C ILE E 46 6.09 -34.94 19.85
N GLN E 47 4.99 -35.68 19.85
CA GLN E 47 4.98 -37.10 20.17
C GLN E 47 4.62 -37.93 18.95
N LEU E 48 5.23 -39.11 18.84
CA LEU E 48 5.04 -40.03 17.72
C LEU E 48 4.67 -41.40 18.26
N TYR E 49 3.61 -41.99 17.70
CA TYR E 49 3.17 -43.33 18.05
C TYR E 49 3.17 -44.19 16.79
N CYS E 50 3.69 -45.41 16.94
CA CYS E 50 3.71 -46.39 15.85
C CYS E 50 2.96 -47.62 16.33
N PHE E 51 1.80 -47.89 15.73
CA PHE E 51 0.96 -49.02 16.10
C PHE E 51 1.17 -50.16 15.13
N ILE E 52 1.51 -51.33 15.66
CA ILE E 52 1.65 -52.57 14.89
C ILE E 52 0.54 -53.49 15.35
N TYR E 53 -0.29 -53.95 14.40
CA TYR E 53 -1.43 -54.80 14.71
C TYR E 53 -1.28 -56.13 13.98
N GLY E 54 -1.59 -57.23 14.68
CA GLY E 54 -1.63 -58.52 14.04
C GLY E 54 -0.29 -59.21 13.89
N HIS E 55 0.79 -58.64 14.43
CA HIS E 55 2.09 -59.29 14.33
C HIS E 55 2.21 -60.41 15.36
N ILE E 56 3.25 -61.22 15.20
CA ILE E 56 3.41 -62.44 15.98
C ILE E 56 3.60 -62.10 17.46
N LEU E 57 3.04 -62.94 18.33
CA LEU E 57 3.20 -62.77 19.76
C LEU E 57 4.67 -62.88 20.17
N ASN E 58 5.10 -61.99 21.06
CA ASN E 58 6.45 -62.01 21.64
C ASN E 58 7.53 -61.91 20.58
N ASP E 59 7.24 -61.22 19.48
CA ASP E 59 8.20 -61.01 18.39
C ASP E 59 8.19 -59.52 18.06
N VAL E 60 8.99 -58.74 18.80
CA VAL E 60 9.06 -57.30 18.63
C VAL E 60 10.50 -56.91 18.34
N SER E 61 10.71 -56.20 17.23
CA SER E 61 12.01 -55.69 16.84
C SER E 61 11.88 -54.28 16.28
N VAL E 62 11.04 -53.46 16.92
CA VAL E 62 10.73 -52.14 16.37
C VAL E 62 11.87 -51.19 16.65
N SER E 63 12.30 -50.48 15.61
CA SER E 63 13.30 -49.42 15.72
C SER E 63 12.77 -48.20 14.97
N TRP E 64 13.44 -47.07 15.14
CA TRP E 64 13.02 -45.84 14.49
C TRP E 64 14.13 -45.34 13.57
N LEU E 65 13.73 -44.78 12.44
CA LEU E 65 14.65 -44.42 11.37
C LEU E 65 14.35 -43.01 10.91
N MET E 66 15.29 -42.10 11.15
CA MET E 66 15.20 -40.71 10.70
C MET E 66 16.31 -40.41 9.71
N ASP E 67 15.91 -39.90 8.54
CA ASP E 67 16.85 -39.57 7.46
C ASP E 67 17.73 -40.77 7.12
N ASP E 68 17.15 -41.97 7.17
CA ASP E 68 17.87 -43.22 6.90
C ASP E 68 19.09 -43.37 7.82
N ARG E 69 18.93 -42.95 9.08
CA ARG E 69 19.98 -43.10 10.08
C ARG E 69 19.33 -43.55 11.39
N GLU E 70 19.97 -44.49 12.06
CA GLU E 70 19.40 -45.13 13.25
C GLU E 70 19.15 -44.11 14.36
N ILE E 71 18.04 -44.29 15.07
CA ILE E 71 17.68 -43.38 16.14
C ILE E 71 18.73 -43.43 17.24
N THR E 72 18.90 -42.30 17.92
CA THR E 72 19.88 -42.20 18.99
C THR E 72 19.26 -42.02 20.37
N ASP E 73 18.02 -41.54 20.45
CA ASP E 73 17.37 -41.35 21.73
C ASP E 73 16.96 -42.71 22.31
N THR E 74 17.13 -42.86 23.62
CA THR E 74 16.86 -44.13 24.29
C THR E 74 15.36 -44.42 24.42
N LEU E 75 14.49 -43.46 24.12
CA LEU E 75 13.05 -43.64 24.27
C LEU E 75 12.54 -44.50 23.12
N ALA E 76 12.57 -45.82 23.32
CA ALA E 76 12.15 -46.80 22.33
C ALA E 76 11.29 -47.89 22.99
N GLN E 77 10.31 -47.46 23.77
CA GLN E 77 9.46 -48.41 24.49
C GLN E 77 8.63 -49.24 23.52
N THR E 78 8.48 -50.52 23.84
CA THR E 78 7.65 -51.46 23.08
C THR E 78 6.74 -52.15 24.08
N VAL E 79 5.54 -51.60 24.27
CA VAL E 79 4.58 -52.09 25.26
C VAL E 79 3.46 -52.82 24.54
N LEU E 80 3.08 -53.98 25.06
CA LEU E 80 2.00 -54.76 24.47
C LEU E 80 0.67 -54.07 24.70
N ILE E 81 -0.01 -53.70 23.61
CA ILE E 81 -1.29 -53.01 23.73
C ILE E 81 -2.33 -53.92 24.36
N LYS E 82 -2.47 -55.13 23.84
CA LYS E 82 -3.43 -56.12 24.34
C LYS E 82 -3.07 -57.48 23.76
N GLU E 83 -3.92 -58.47 23.97
CA GLU E 83 -3.68 -59.83 23.52
C GLU E 83 -4.57 -60.16 22.33
N GLU E 84 -3.97 -60.75 21.30
CA GLU E 84 -4.68 -61.16 20.09
C GLU E 84 -4.38 -62.61 19.76
N GLY E 85 -4.40 -63.47 20.78
CA GLY E 85 -4.06 -64.87 20.56
C GLY E 85 -2.61 -65.01 20.14
N LYS E 86 -2.39 -65.70 19.02
CA LYS E 86 -1.04 -65.81 18.47
C LYS E 86 -0.57 -64.51 17.85
N LEU E 87 -1.48 -63.57 17.58
CA LEU E 87 -1.12 -62.25 17.10
C LEU E 87 -1.03 -61.28 18.27
N ALA E 88 -0.55 -60.06 18.01
CA ALA E 88 -0.33 -59.11 19.07
C ALA E 88 -0.43 -57.69 18.53
N SER E 89 -0.56 -56.74 19.46
CA SER E 89 -0.61 -55.32 19.15
C SER E 89 0.45 -54.61 19.97
N THR E 90 1.30 -53.84 19.30
CA THR E 90 2.44 -53.18 19.93
C THR E 90 2.43 -51.69 19.61
N CYS E 91 2.58 -50.86 20.63
CA CYS E 91 2.64 -49.42 20.48
C CYS E 91 4.05 -48.94 20.79
N SER E 92 4.66 -48.24 19.83
CA SER E 92 5.99 -47.67 19.99
C SER E 92 5.85 -46.17 20.21
N LYS E 93 6.53 -45.66 21.24
CA LYS E 93 6.37 -44.30 21.73
C LYS E 93 7.67 -43.53 21.56
N LEU E 94 7.58 -42.32 21.03
CA LEU E 94 8.75 -41.45 20.93
C LEU E 94 8.32 -40.01 21.16
N ASN E 95 9.24 -39.21 21.69
CA ASN E 95 9.03 -37.77 21.79
C ASN E 95 10.23 -37.04 21.20
N ILE E 96 9.97 -35.87 20.63
CA ILE E 96 11.00 -35.05 20.00
C ILE E 96 10.63 -33.57 20.20
N THR E 97 11.52 -32.70 19.75
CA THR E 97 11.33 -31.27 19.88
C THR E 97 10.85 -30.68 18.56
N GLU E 98 10.62 -29.35 18.57
CA GLU E 98 10.17 -28.67 17.37
C GLU E 98 11.24 -28.70 16.28
N GLN E 99 12.51 -28.55 16.68
CA GLN E 99 13.59 -28.50 15.70
C GLN E 99 13.71 -29.81 14.92
N GLN E 100 13.46 -30.94 15.58
CA GLN E 100 13.49 -32.23 14.89
C GLN E 100 12.32 -32.39 13.93
N TRP E 101 11.23 -31.66 14.14
CA TRP E 101 10.08 -31.69 13.24
C TRP E 101 10.06 -30.57 12.22
N MET E 102 10.49 -29.36 12.60
CA MET E 102 10.47 -28.24 11.66
C MET E 102 11.43 -28.44 10.50
N SER E 103 12.33 -29.41 10.59
CA SER E 103 13.30 -29.71 9.53
C SER E 103 12.73 -30.55 8.41
N GLU E 104 11.49 -31.03 8.53
CA GLU E 104 10.83 -31.83 7.50
C GLU E 104 11.62 -33.12 7.24
N SER E 105 11.71 -33.95 8.27
CA SER E 105 12.53 -35.15 8.24
C SER E 105 11.73 -36.33 7.68
N THR E 106 12.25 -37.54 7.85
CA THR E 106 11.72 -38.75 7.24
C THR E 106 11.47 -39.82 8.31
N PHE E 107 10.77 -39.44 9.38
CA PHE E 107 10.54 -40.36 10.48
C PHE E 107 9.80 -41.61 10.01
N THR E 108 10.36 -42.78 10.32
CA THR E 108 9.72 -44.06 10.04
C THR E 108 9.93 -44.97 11.24
N CYS E 109 9.03 -45.94 11.39
CA CYS E 109 9.19 -46.99 12.39
C CYS E 109 9.33 -48.33 11.65
N LYS E 110 10.51 -48.93 11.75
CA LYS E 110 10.85 -50.15 11.04
C LYS E 110 10.64 -51.35 11.95
N VAL E 111 9.94 -52.35 11.45
CA VAL E 111 9.68 -53.60 12.18
C VAL E 111 10.30 -54.74 11.38
N THR E 112 11.21 -55.47 12.01
CA THR E 112 11.85 -56.63 11.38
C THR E 112 11.08 -57.88 11.82
N SER E 113 10.00 -58.16 11.10
CA SER E 113 9.12 -59.27 11.40
C SER E 113 9.34 -60.38 10.38
N GLN E 114 9.71 -61.57 10.87
CA GLN E 114 9.94 -62.74 10.03
C GLN E 114 10.97 -62.46 8.93
N GLY E 115 11.99 -61.68 9.28
CA GLY E 115 13.01 -61.34 8.31
C GLY E 115 12.60 -60.32 7.27
N VAL E 116 11.46 -59.66 7.46
CA VAL E 116 10.94 -58.68 6.53
C VAL E 116 10.88 -57.33 7.24
N ASP E 117 11.41 -56.29 6.60
CA ASP E 117 11.46 -54.95 7.16
C ASP E 117 10.24 -54.17 6.68
N TYR E 118 9.27 -54.00 7.56
CA TYR E 118 8.09 -53.19 7.27
C TYR E 118 8.30 -51.77 7.79
N LEU E 119 8.11 -50.78 6.93
CA LEU E 119 8.31 -49.39 7.29
C LEU E 119 7.23 -48.53 6.67
N ALA E 120 6.88 -47.45 7.37
CA ALA E 120 5.91 -46.48 6.89
C ALA E 120 6.49 -45.08 7.08
N HIS E 121 6.36 -44.25 6.06
CA HIS E 121 6.95 -42.92 6.05
C HIS E 121 5.97 -41.88 6.56
N THR E 122 6.44 -41.03 7.46
CA THR E 122 5.68 -39.87 7.93
C THR E 122 6.55 -38.64 7.71
N ARG E 123 5.92 -37.51 7.41
CA ARG E 123 6.62 -36.28 7.08
C ARG E 123 5.78 -35.08 7.48
N ARG E 124 6.45 -34.00 7.87
CA ARG E 124 5.74 -32.74 8.03
C ARG E 124 5.24 -32.29 6.65
N CYS E 125 3.95 -32.02 6.57
CA CYS E 125 3.35 -31.72 5.27
C CYS E 125 3.93 -30.43 4.72
N PRO E 126 4.27 -30.38 3.43
CA PRO E 126 4.76 -29.13 2.84
C PRO E 126 3.72 -28.02 2.99
N ASP E 127 4.19 -26.86 3.41
CA ASP E 127 3.30 -25.74 3.67
C ASP E 127 2.68 -25.25 2.35
N HIS E 128 1.37 -25.01 2.38
CA HIS E 128 0.72 -24.38 1.24
C HIS E 128 1.23 -22.96 1.10
N GLU E 129 1.18 -22.44 -0.14
CA GLU E 129 1.78 -21.17 -0.56
C GLU E 129 3.14 -20.96 0.10
N PRO E 130 4.15 -21.77 -0.25
CA PRO E 130 5.47 -21.60 0.38
C PRO E 130 6.08 -20.23 0.16
N ARG E 131 5.84 -19.62 -1.00
CA ARG E 131 6.34 -18.28 -1.31
C ARG E 131 5.19 -17.36 -1.69
N GLY E 132 4.02 -17.59 -1.10
CA GLY E 132 2.88 -16.73 -1.29
C GLY E 132 2.06 -16.98 -2.54
N VAL E 133 2.34 -18.04 -3.30
CA VAL E 133 1.58 -18.34 -4.51
C VAL E 133 0.37 -19.17 -4.10
N ILE E 134 -0.81 -18.78 -4.58
CA ILE E 134 -2.04 -19.48 -4.25
C ILE E 134 -2.43 -20.36 -5.42
N THR E 135 -2.60 -21.65 -5.15
CA THR E 135 -2.88 -22.64 -6.18
C THR E 135 -4.35 -23.04 -6.14
N TYR E 136 -5.05 -22.80 -7.25
CA TYR E 136 -6.41 -23.25 -7.44
C TYR E 136 -6.42 -24.26 -8.57
N LEU E 137 -7.04 -25.42 -8.31
CA LEU E 137 -7.11 -26.51 -9.27
C LEU E 137 -8.55 -27.00 -9.34
N ILE E 138 -9.27 -26.47 -10.33
CA ILE E 138 -10.71 -26.63 -10.48
C ILE E 138 -11.06 -28.01 -11.04
N PRO E 139 -12.03 -28.72 -10.47
CA PRO E 139 -12.51 -29.94 -11.10
C PRO E 139 -13.22 -29.63 -12.41
N PRO E 140 -13.21 -30.56 -13.36
CA PRO E 140 -13.87 -30.30 -14.64
C PRO E 140 -15.37 -30.06 -14.46
N SER E 141 -15.90 -29.15 -15.26
CA SER E 141 -17.32 -28.86 -15.20
C SER E 141 -18.13 -30.06 -15.69
N PRO E 142 -19.23 -30.39 -15.02
CA PRO E 142 -20.06 -31.52 -15.47
C PRO E 142 -20.59 -31.36 -16.88
N LEU E 143 -20.85 -30.13 -17.32
CA LEU E 143 -21.40 -29.92 -18.66
C LEU E 143 -20.42 -30.37 -19.74
N ASP E 144 -19.14 -30.03 -19.60
CA ASP E 144 -18.14 -30.41 -20.58
C ASP E 144 -17.60 -31.83 -20.39
N LEU E 145 -17.89 -32.45 -19.25
CA LEU E 145 -17.38 -33.78 -18.93
C LEU E 145 -18.39 -34.89 -19.14
N TYR E 146 -19.68 -34.57 -19.10
CA TYR E 146 -20.74 -35.57 -19.25
C TYR E 146 -21.56 -35.42 -20.52
N GLN E 147 -21.72 -34.20 -21.03
CA GLN E 147 -22.51 -33.96 -22.23
C GLN E 147 -21.64 -33.57 -23.43
N ASN E 148 -20.80 -32.54 -23.28
CA ASN E 148 -19.91 -32.16 -24.37
C ASN E 148 -18.86 -33.24 -24.63
N GLY E 149 -18.35 -33.85 -23.57
CA GLY E 149 -17.37 -34.90 -23.72
C GLY E 149 -15.93 -34.46 -23.79
N ALA E 150 -15.63 -33.20 -23.45
CA ALA E 150 -14.28 -32.66 -23.49
C ALA E 150 -13.96 -31.99 -22.15
N PRO E 151 -13.70 -32.77 -21.12
CA PRO E 151 -13.32 -32.19 -19.82
C PRO E 151 -11.90 -31.66 -19.85
N LYS E 152 -11.55 -30.93 -18.79
CA LYS E 152 -10.20 -30.39 -18.65
C LYS E 152 -9.93 -30.11 -17.17
N LEU E 153 -8.70 -30.40 -16.75
CA LEU E 153 -8.24 -30.08 -15.41
C LEU E 153 -7.43 -28.79 -15.47
N THR E 154 -7.81 -27.82 -14.63
CA THR E 154 -7.22 -26.49 -14.67
C THR E 154 -6.38 -26.26 -13.42
N CYS E 155 -5.07 -26.12 -13.61
CA CYS E 155 -4.15 -25.72 -12.55
C CYS E 155 -3.88 -24.23 -12.71
N LEU E 156 -4.25 -23.44 -11.71
CA LEU E 156 -4.47 -22.00 -11.88
C LEU E 156 -3.63 -21.23 -10.84
N VAL E 157 -2.32 -21.48 -10.84
CA VAL E 157 -1.46 -20.86 -9.82
C VAL E 157 -1.40 -19.36 -10.04
N VAL E 158 -1.56 -18.61 -8.95
CA VAL E 158 -1.58 -17.14 -8.99
C VAL E 158 -0.54 -16.64 -7.99
N ASP E 159 -0.33 -15.31 -8.02
CA ASP E 159 0.58 -14.63 -7.09
C ASP E 159 2.03 -15.07 -7.29
N LEU E 160 2.43 -15.20 -8.56
CA LEU E 160 3.82 -15.47 -8.91
C LEU E 160 4.54 -14.15 -9.15
N GLU E 161 5.78 -14.22 -9.62
CA GLU E 161 6.57 -13.03 -9.92
C GLU E 161 7.06 -12.97 -11.36
N SER E 162 7.41 -14.11 -11.96
CA SER E 162 7.86 -14.15 -13.34
C SER E 162 7.66 -15.55 -13.88
N GLU E 163 7.65 -15.67 -15.21
CA GLU E 163 7.51 -16.97 -15.87
C GLU E 163 8.90 -17.54 -16.16
N LYS E 164 9.66 -17.71 -15.09
CA LYS E 164 11.02 -18.23 -15.16
C LYS E 164 11.10 -19.52 -14.36
N ASN E 165 11.37 -20.63 -15.04
CA ASN E 165 11.50 -21.95 -14.43
C ASN E 165 10.26 -22.38 -13.66
N VAL E 166 9.09 -21.87 -14.04
CA VAL E 166 7.84 -22.30 -13.42
C VAL E 166 7.42 -23.62 -14.08
N ASN E 167 7.58 -24.73 -13.35
CA ASN E 167 7.29 -26.05 -13.90
C ASN E 167 5.95 -26.52 -13.35
N VAL E 168 4.99 -26.72 -14.24
CA VAL E 168 3.69 -27.27 -13.89
C VAL E 168 3.59 -28.64 -14.56
N THR E 169 3.57 -29.69 -13.76
CA THR E 169 3.53 -31.06 -14.26
C THR E 169 2.25 -31.73 -13.78
N TRP E 170 1.76 -32.68 -14.58
CA TRP E 170 0.55 -33.41 -14.27
C TRP E 170 0.88 -34.87 -14.01
N ASN E 171 0.57 -35.34 -12.81
CA ASN E 171 0.75 -36.74 -12.43
C ASN E 171 -0.58 -37.45 -12.56
N GLN E 172 -0.67 -38.34 -13.55
CA GLN E 172 -1.88 -39.13 -13.79
C GLN E 172 -1.72 -40.45 -13.06
N GLU E 173 -2.27 -40.53 -11.86
CA GLU E 173 -2.14 -41.72 -11.04
C GLU E 173 -2.89 -42.89 -11.66
N LYS E 174 -2.37 -44.09 -11.41
CA LYS E 174 -2.96 -45.34 -11.88
C LYS E 174 -2.96 -45.42 -13.41
N LYS E 175 -3.80 -44.61 -14.05
CA LYS E 175 -3.81 -44.53 -15.52
C LYS E 175 -2.91 -43.39 -15.94
N THR E 176 -1.66 -43.73 -16.28
CA THR E 176 -0.70 -42.72 -16.71
C THR E 176 -1.12 -42.09 -18.04
N SER E 177 -1.62 -42.90 -18.96
CA SER E 177 -2.07 -42.44 -20.28
C SER E 177 -0.95 -41.75 -21.06
N VAL E 178 -1.32 -41.07 -22.15
CA VAL E 178 -0.34 -40.39 -22.99
C VAL E 178 -0.80 -38.95 -23.23
N SER E 179 -1.85 -38.54 -22.54
CA SER E 179 -2.39 -37.19 -22.72
C SER E 179 -1.39 -36.15 -22.28
N ALA E 180 -1.28 -35.06 -23.05
CA ALA E 180 -0.37 -33.97 -22.77
C ALA E 180 -1.12 -32.85 -22.06
N SER E 181 -0.42 -31.74 -21.82
CA SER E 181 -1.00 -30.58 -21.15
C SER E 181 -0.64 -29.31 -21.91
N GLN E 182 -1.48 -28.30 -21.76
CA GLN E 182 -1.30 -27.01 -22.41
C GLN E 182 -1.17 -25.94 -21.32
N TRP E 183 0.03 -25.38 -21.18
CA TRP E 183 0.32 -24.39 -20.15
C TRP E 183 0.50 -23.01 -20.80
N TYR E 184 0.02 -21.98 -20.10
CA TYR E 184 0.13 -20.62 -20.60
C TYR E 184 0.13 -19.65 -19.43
N THR E 185 0.50 -18.40 -19.73
CA THR E 185 0.60 -17.34 -18.74
C THR E 185 -0.51 -16.32 -18.96
N LYS E 186 -0.78 -15.56 -17.90
CA LYS E 186 -1.78 -14.51 -17.92
C LYS E 186 -1.35 -13.41 -16.98
N HIS E 187 -1.47 -12.16 -17.43
CA HIS E 187 -1.07 -11.01 -16.65
C HIS E 187 -2.28 -10.16 -16.26
N HIS E 188 -2.09 -9.38 -15.21
CA HIS E 188 -3.10 -8.45 -14.71
C HIS E 188 -2.37 -7.17 -14.35
N ASN E 189 -3.01 -6.29 -13.59
CA ASN E 189 -2.32 -5.14 -13.01
C ASN E 189 -2.28 -5.32 -11.49
N ASN E 190 -1.36 -6.19 -11.05
CA ASN E 190 -0.91 -6.21 -9.67
C ASN E 190 0.57 -6.58 -9.57
N ALA E 191 1.29 -6.61 -10.69
CA ALA E 191 2.65 -7.16 -10.76
C ALA E 191 2.67 -8.62 -10.30
N THR E 192 1.60 -9.36 -10.58
CA THR E 192 1.46 -10.75 -10.19
C THR E 192 1.14 -11.58 -11.43
N THR E 193 2.10 -12.38 -11.87
CA THR E 193 1.88 -13.27 -13.01
C THR E 193 1.09 -14.50 -12.59
N SER E 194 0.18 -14.93 -13.45
CA SER E 194 -0.62 -16.13 -13.21
C SER E 194 -0.30 -17.17 -14.27
N ILE E 195 -0.30 -18.44 -13.86
CA ILE E 195 -0.01 -19.55 -14.77
C ILE E 195 -1.18 -20.51 -14.74
N THR E 196 -1.73 -20.80 -15.93
CA THR E 196 -2.87 -21.70 -16.08
C THR E 196 -2.48 -22.86 -17.00
N SER E 197 -2.71 -24.07 -16.52
CA SER E 197 -2.42 -25.30 -17.26
C SER E 197 -3.70 -26.10 -17.40
N ILE E 198 -3.98 -26.55 -18.62
CA ILE E 198 -5.17 -27.32 -18.96
C ILE E 198 -4.73 -28.72 -19.35
N LEU E 199 -5.29 -29.72 -18.66
CA LEU E 199 -5.02 -31.13 -18.94
C LEU E 199 -6.28 -31.80 -19.43
N PRO E 200 -6.41 -32.11 -20.72
CA PRO E 200 -7.59 -32.85 -21.19
C PRO E 200 -7.56 -34.31 -20.77
N VAL E 201 -8.55 -34.72 -19.98
CA VAL E 201 -8.61 -36.08 -19.47
C VAL E 201 -9.77 -36.81 -20.12
N VAL E 202 -9.82 -38.12 -19.95
CA VAL E 202 -10.89 -38.96 -20.47
C VAL E 202 -12.05 -38.97 -19.49
N ALA E 203 -13.28 -38.93 -20.04
CA ALA E 203 -14.46 -38.77 -19.20
C ALA E 203 -14.68 -39.98 -18.30
N LYS E 204 -14.47 -41.19 -18.81
CA LYS E 204 -14.72 -42.40 -18.03
C LYS E 204 -13.88 -42.43 -16.76
N ASP E 205 -12.65 -41.91 -16.82
CA ASP E 205 -11.72 -42.06 -15.70
C ASP E 205 -12.20 -41.28 -14.49
N TRP E 206 -12.82 -40.12 -14.70
CA TRP E 206 -13.38 -39.36 -13.59
C TRP E 206 -14.50 -40.14 -12.90
N ILE E 207 -15.37 -40.79 -13.68
CA ILE E 207 -16.42 -41.61 -13.10
C ILE E 207 -15.82 -42.78 -12.34
N GLU E 208 -14.74 -43.37 -12.88
CA GLU E 208 -14.04 -44.43 -12.17
C GLU E 208 -13.36 -43.91 -10.90
N GLY E 209 -12.86 -42.69 -10.91
CA GLY E 209 -12.31 -42.08 -9.72
C GLY E 209 -10.80 -42.18 -9.57
N TYR E 210 -10.06 -42.38 -10.66
CA TYR E 210 -8.62 -42.46 -10.57
C TYR E 210 -8.04 -41.10 -10.23
N GLY E 211 -6.85 -41.11 -9.62
CA GLY E 211 -6.26 -39.87 -9.15
C GLY E 211 -5.67 -39.01 -10.25
N TYR E 212 -5.55 -37.72 -9.94
CA TYR E 212 -4.87 -36.73 -10.77
C TYR E 212 -4.21 -35.72 -9.85
N GLN E 213 -3.04 -35.22 -10.26
CA GLN E 213 -2.29 -34.31 -9.41
C GLN E 213 -1.59 -33.26 -10.25
N CYS E 214 -1.52 -32.03 -9.73
CA CYS E 214 -0.72 -30.96 -10.31
C CYS E 214 0.44 -30.66 -9.38
N ILE E 215 1.65 -30.66 -9.93
CA ILE E 215 2.88 -30.40 -9.19
C ILE E 215 3.47 -29.11 -9.73
N VAL E 216 3.71 -28.16 -8.83
CA VAL E 216 4.28 -26.85 -9.17
C VAL E 216 5.67 -26.78 -8.56
N ASP E 217 6.65 -26.45 -9.40
CA ASP E 217 8.03 -26.33 -8.99
C ASP E 217 8.58 -24.98 -9.40
N HIS E 218 9.29 -24.34 -8.49
CA HIS E 218 9.92 -23.04 -8.62
C HIS E 218 11.30 -23.10 -7.99
N PRO E 219 12.31 -22.44 -8.59
CA PRO E 219 13.65 -22.56 -8.00
C PRO E 219 13.83 -21.81 -6.70
N ASP E 220 12.90 -20.93 -6.33
CA ASP E 220 12.87 -20.37 -4.99
C ASP E 220 12.10 -21.25 -4.00
N PHE E 221 11.36 -22.23 -4.49
CA PHE E 221 10.58 -23.11 -3.62
C PHE E 221 11.50 -24.11 -2.93
N PRO E 222 11.35 -24.32 -1.62
CA PRO E 222 12.12 -25.39 -0.96
C PRO E 222 11.74 -26.76 -1.46
N LYS E 223 10.45 -26.99 -1.66
CA LYS E 223 9.91 -28.25 -2.16
C LYS E 223 8.78 -27.96 -3.13
N PRO E 224 8.69 -28.71 -4.23
CA PRO E 224 7.54 -28.56 -5.13
C PRO E 224 6.25 -28.92 -4.41
N ILE E 225 5.18 -28.22 -4.78
CA ILE E 225 3.87 -28.37 -4.13
C ILE E 225 3.00 -29.27 -5.00
N VAL E 226 2.11 -30.03 -4.36
CA VAL E 226 1.27 -31.01 -5.02
C VAL E 226 -0.18 -30.77 -4.60
N ARG E 227 -1.09 -30.76 -5.58
CA ARG E 227 -2.52 -30.61 -5.31
C ARG E 227 -3.30 -31.64 -6.10
N SER E 228 -4.18 -32.39 -5.43
CA SER E 228 -4.94 -33.46 -6.06
C SER E 228 -6.40 -33.43 -5.60
N ILE E 229 -7.31 -33.74 -6.52
CA ILE E 229 -8.71 -33.95 -6.21
C ILE E 229 -9.32 -34.82 -7.31
N THR E 230 -10.29 -35.64 -6.93
CA THR E 230 -11.13 -36.37 -7.89
C THR E 230 -12.57 -36.12 -7.48
N LYS E 231 -13.50 -36.91 -8.04
CA LYS E 231 -14.90 -36.78 -7.66
C LYS E 231 -15.04 -36.87 -6.13
N THR E 232 -15.92 -36.05 -5.59
CA THR E 232 -16.07 -35.94 -4.14
C THR E 232 -16.63 -37.24 -3.59
N PRO E 233 -15.95 -37.90 -2.65
CA PRO E 233 -16.48 -39.16 -2.10
C PRO E 233 -17.75 -38.93 -1.31
N GLY E 234 -18.59 -39.94 -1.31
CA GLY E 234 -19.85 -39.88 -0.59
C GLY E 234 -20.87 -40.80 -1.25
N GLN E 235 -22.15 -40.50 -0.99
CA GLN E 235 -23.26 -41.27 -1.54
C GLN E 235 -23.96 -40.43 -2.61
N ARG E 236 -24.20 -41.05 -3.76
CA ARG E 236 -24.80 -40.33 -4.88
C ARG E 236 -26.31 -40.24 -4.70
N SER E 237 -26.84 -39.03 -4.85
CA SER E 237 -28.28 -38.78 -4.70
C SER E 237 -28.80 -38.12 -5.96
N ALA E 238 -29.84 -38.70 -6.53
CA ALA E 238 -30.40 -38.17 -7.78
C ALA E 238 -31.06 -36.83 -7.54
N PRO E 239 -30.68 -35.79 -8.28
CA PRO E 239 -31.31 -34.48 -8.08
C PRO E 239 -32.77 -34.46 -8.49
N GLU E 240 -33.54 -33.62 -7.82
CA GLU E 240 -34.94 -33.39 -8.14
C GLU E 240 -35.09 -31.95 -8.65
N VAL E 241 -35.74 -31.80 -9.80
CA VAL E 241 -35.81 -30.53 -10.51
C VAL E 241 -37.27 -30.11 -10.62
N TYR E 242 -37.55 -28.85 -10.26
CA TYR E 242 -38.91 -28.30 -10.37
C TYR E 242 -38.83 -26.90 -10.95
N VAL E 243 -39.66 -26.62 -11.95
CA VAL E 243 -39.69 -25.32 -12.62
C VAL E 243 -40.99 -24.62 -12.26
N PHE E 244 -40.88 -23.30 -11.90
CA PHE E 244 -42.03 -22.52 -11.46
C PHE E 244 -42.55 -21.63 -12.58
N PRO E 245 -43.86 -21.40 -12.63
CA PRO E 245 -44.43 -20.47 -13.62
C PRO E 245 -44.07 -19.03 -13.28
N PRO E 246 -44.09 -18.14 -14.26
CA PRO E 246 -43.73 -16.73 -14.01
C PRO E 246 -44.80 -16.02 -13.19
N PRO E 247 -44.50 -15.65 -11.94
CA PRO E 247 -45.50 -15.03 -11.08
C PRO E 247 -45.53 -13.51 -11.16
N GLU E 248 -44.90 -12.92 -12.18
CA GLU E 248 -44.52 -11.51 -12.15
C GLU E 248 -45.57 -10.63 -12.84
N GLU E 249 -46.86 -10.94 -12.66
CA GLU E 249 -47.94 -9.99 -12.94
C GLU E 249 -47.90 -9.52 -14.39
N GLU E 250 -48.28 -10.44 -15.28
CA GLU E 250 -48.05 -10.35 -16.72
C GLU E 250 -48.25 -8.96 -17.31
N SER E 251 -49.11 -8.14 -16.69
CA SER E 251 -49.24 -6.75 -17.11
C SER E 251 -47.92 -5.98 -16.98
N GLU E 252 -46.97 -6.48 -16.20
CA GLU E 252 -45.66 -5.87 -16.09
C GLU E 252 -44.85 -6.14 -17.36
N ASP E 253 -43.58 -5.75 -17.34
CA ASP E 253 -42.73 -5.83 -18.52
C ASP E 253 -41.86 -7.09 -18.55
N LYS E 254 -41.20 -7.41 -17.44
CA LYS E 254 -40.21 -8.48 -17.41
C LYS E 254 -40.81 -9.78 -16.87
N ARG E 255 -40.23 -10.90 -17.29
CA ARG E 255 -40.63 -12.23 -16.84
C ARG E 255 -39.42 -12.90 -16.17
N THR E 256 -39.67 -13.52 -15.02
CA THR E 256 -38.65 -14.26 -14.29
C THR E 256 -39.03 -15.74 -14.23
N LEU E 257 -38.05 -16.60 -14.49
CA LEU E 257 -38.22 -18.05 -14.48
C LEU E 257 -37.35 -18.64 -13.39
N THR E 258 -37.94 -19.49 -12.56
CA THR E 258 -37.26 -20.11 -11.43
C THR E 258 -37.18 -21.62 -11.64
N CYS E 259 -35.99 -22.17 -11.40
CA CYS E 259 -35.78 -23.62 -11.46
C CYS E 259 -35.03 -24.04 -10.21
N LEU E 260 -35.66 -24.87 -9.39
CA LEU E 260 -35.09 -25.34 -8.14
C LEU E 260 -34.61 -26.79 -8.32
N ILE E 261 -33.34 -27.03 -7.97
CA ILE E 261 -32.77 -28.36 -8.01
C ILE E 261 -32.28 -28.71 -6.61
N GLN E 262 -32.80 -29.80 -6.05
CA GLN E 262 -32.54 -30.17 -4.67
C GLN E 262 -32.13 -31.62 -4.57
N ASN E 263 -31.52 -31.95 -3.42
CA ASN E 263 -31.10 -33.32 -3.09
C ASN E 263 -30.15 -33.88 -4.15
N PHE E 264 -29.06 -33.14 -4.37
CA PHE E 264 -28.03 -33.55 -5.32
C PHE E 264 -26.67 -33.55 -4.61
N PHE E 265 -25.91 -34.62 -4.81
CA PHE E 265 -24.59 -34.78 -4.21
C PHE E 265 -23.68 -35.43 -5.25
N PRO E 266 -22.45 -34.92 -5.43
CA PRO E 266 -21.84 -33.77 -4.75
C PRO E 266 -22.32 -32.44 -5.30
N GLU E 267 -21.73 -31.33 -4.85
CA GLU E 267 -22.15 -30.01 -5.31
C GLU E 267 -21.81 -29.74 -6.77
N ASP E 268 -21.00 -30.58 -7.40
CA ASP E 268 -20.64 -30.39 -8.80
C ASP E 268 -21.85 -30.75 -9.68
N ILE E 269 -22.45 -29.73 -10.28
CA ILE E 269 -23.65 -29.90 -11.09
C ILE E 269 -23.65 -28.82 -12.17
N SER E 270 -24.30 -29.11 -13.30
CA SER E 270 -24.36 -28.18 -14.40
C SER E 270 -25.81 -27.85 -14.75
N VAL E 271 -26.04 -26.59 -15.12
CA VAL E 271 -27.36 -26.09 -15.44
C VAL E 271 -27.33 -25.40 -16.80
N GLN E 272 -28.37 -25.59 -17.58
CA GLN E 272 -28.49 -24.97 -18.89
C GLN E 272 -29.97 -24.73 -19.20
N TRP E 273 -30.22 -23.87 -20.17
CA TRP E 273 -31.57 -23.57 -20.64
C TRP E 273 -31.59 -23.69 -22.16
N LEU E 274 -32.34 -24.66 -22.67
CA LEU E 274 -32.46 -24.92 -24.10
C LEU E 274 -33.85 -24.57 -24.60
N GLY E 275 -34.40 -23.47 -24.10
CA GLY E 275 -35.74 -23.03 -24.46
C GLY E 275 -35.90 -22.74 -25.94
N ASP E 276 -36.88 -23.41 -26.56
CA ASP E 276 -37.16 -23.28 -27.99
C ASP E 276 -35.87 -23.55 -28.77
N GLY E 277 -35.45 -24.81 -28.74
CA GLY E 277 -34.37 -25.25 -29.60
C GLY E 277 -32.99 -24.95 -29.07
N LYS E 278 -32.37 -23.89 -29.59
CA LYS E 278 -30.98 -23.60 -29.30
C LYS E 278 -30.79 -23.15 -27.84
N LEU E 279 -29.53 -22.99 -27.46
CA LEU E 279 -29.15 -22.67 -26.10
C LEU E 279 -29.07 -21.17 -25.91
N ILE E 280 -29.66 -20.68 -24.82
CA ILE E 280 -29.60 -19.26 -24.48
C ILE E 280 -28.23 -18.97 -23.86
N SER E 281 -27.58 -17.93 -24.34
CA SER E 281 -26.24 -17.57 -23.88
C SER E 281 -26.25 -17.19 -22.40
N ASN E 282 -25.06 -17.15 -21.82
CA ASN E 282 -24.92 -16.87 -20.39
C ASN E 282 -24.97 -15.36 -20.16
N SER E 283 -26.06 -14.72 -20.57
CA SER E 283 -26.30 -13.31 -20.30
C SER E 283 -27.57 -13.12 -19.47
N GLN E 284 -28.68 -13.69 -19.91
CA GLN E 284 -29.93 -13.67 -19.15
C GLN E 284 -30.08 -14.92 -18.30
N HIS E 285 -29.07 -15.20 -17.47
CA HIS E 285 -29.07 -16.38 -16.62
C HIS E 285 -28.19 -16.15 -15.40
N SER E 286 -28.59 -16.75 -14.28
CA SER E 286 -27.80 -16.74 -13.06
C SER E 286 -28.15 -17.98 -12.25
N THR E 287 -27.18 -18.48 -11.48
CA THR E 287 -27.36 -19.68 -10.68
C THR E 287 -26.93 -19.38 -9.25
N THR E 288 -27.78 -19.75 -8.30
CA THR E 288 -27.47 -19.54 -6.89
C THR E 288 -26.35 -20.48 -6.45
N THR E 289 -25.48 -19.98 -5.57
CA THR E 289 -24.38 -20.77 -5.08
C THR E 289 -24.91 -21.96 -4.26
N PRO E 290 -24.27 -23.12 -4.34
CA PRO E 290 -24.76 -24.29 -3.59
C PRO E 290 -24.70 -24.05 -2.08
N LEU E 291 -25.69 -24.58 -1.39
CA LEU E 291 -25.75 -24.51 0.07
C LEU E 291 -26.29 -25.82 0.61
N LYS E 292 -25.94 -26.12 1.86
CA LYS E 292 -26.31 -27.39 2.48
C LYS E 292 -27.75 -27.36 2.95
N SER E 293 -28.45 -28.47 2.76
CA SER E 293 -29.82 -28.59 3.24
C SER E 293 -29.85 -28.72 4.76
N ASN E 294 -31.01 -28.42 5.34
CA ASN E 294 -31.19 -28.44 6.79
C ASN E 294 -31.34 -29.88 7.25
N GLY E 295 -30.20 -30.54 7.46
CA GLY E 295 -30.17 -31.89 7.97
C GLY E 295 -30.83 -32.88 7.03
N SER E 296 -31.42 -33.92 7.63
CA SER E 296 -32.09 -34.99 6.90
C SER E 296 -31.18 -35.61 5.84
N ASN E 297 -31.61 -35.58 4.59
CA ASN E 297 -30.80 -36.12 3.52
C ASN E 297 -29.55 -35.27 3.31
N GLN E 298 -28.42 -35.93 3.08
CA GLN E 298 -27.15 -35.23 2.84
C GLN E 298 -27.11 -34.80 1.37
N GLY E 299 -27.46 -33.54 1.14
CA GLY E 299 -27.50 -33.01 -0.21
C GLY E 299 -27.39 -31.49 -0.25
N PHE E 300 -27.72 -30.91 -1.41
CA PHE E 300 -27.64 -29.46 -1.59
C PHE E 300 -28.85 -29.02 -2.40
N PHE E 301 -29.10 -27.70 -2.37
CA PHE E 301 -30.16 -27.10 -3.17
C PHE E 301 -29.62 -25.87 -3.87
N ILE E 302 -30.09 -25.65 -5.10
CA ILE E 302 -29.70 -24.49 -5.90
C ILE E 302 -30.90 -23.95 -6.64
N PHE E 303 -30.88 -22.65 -6.90
CA PHE E 303 -31.90 -21.94 -7.65
C PHE E 303 -31.28 -21.33 -8.88
N SER E 304 -31.93 -21.49 -10.03
CA SER E 304 -31.53 -20.83 -11.27
C SER E 304 -32.63 -19.89 -11.71
N ARG E 305 -32.26 -18.63 -11.96
CA ARG E 305 -33.19 -17.58 -12.33
C ARG E 305 -32.87 -17.08 -13.73
N LEU E 306 -33.89 -16.99 -14.58
CA LEU E 306 -33.74 -16.51 -15.95
C LEU E 306 -34.68 -15.34 -16.17
N GLU E 307 -34.13 -14.21 -16.60
CA GLU E 307 -34.91 -12.98 -16.77
C GLU E 307 -35.02 -12.65 -18.26
N VAL E 308 -36.25 -12.42 -18.71
CA VAL E 308 -36.52 -12.08 -20.10
C VAL E 308 -37.48 -10.89 -20.15
N ALA E 309 -37.63 -10.34 -21.34
CA ALA E 309 -38.51 -9.20 -21.57
C ALA E 309 -39.80 -9.65 -22.24
N LYS E 310 -40.71 -8.68 -22.45
CA LYS E 310 -41.98 -8.99 -23.09
C LYS E 310 -41.80 -9.36 -24.56
N THR E 311 -40.77 -8.80 -25.22
CA THR E 311 -40.55 -9.11 -26.62
C THR E 311 -40.23 -10.59 -26.82
N LEU E 312 -39.38 -11.15 -25.95
CA LEU E 312 -39.07 -12.57 -26.03
C LEU E 312 -40.21 -13.44 -25.52
N TRP E 313 -40.92 -12.99 -24.49
CA TRP E 313 -42.03 -13.74 -23.94
C TRP E 313 -43.26 -13.61 -24.84
N THR E 314 -44.27 -14.44 -24.57
CA THR E 314 -45.51 -14.49 -25.34
C THR E 314 -45.23 -14.73 -26.82
N GLN E 315 -44.26 -15.61 -27.11
CA GLN E 315 -43.91 -15.97 -28.47
C GLN E 315 -44.19 -17.44 -28.76
N ARG E 316 -44.99 -18.10 -27.92
CA ARG E 316 -45.35 -19.51 -28.09
C ARG E 316 -44.12 -20.40 -28.16
N LYS E 317 -43.13 -20.12 -27.31
CA LYS E 317 -41.90 -20.87 -27.27
C LYS E 317 -41.92 -21.85 -26.10
N GLN E 318 -40.88 -22.68 -26.01
CA GLN E 318 -40.69 -23.62 -24.92
C GLN E 318 -39.62 -23.07 -23.98
N PHE E 319 -39.58 -23.63 -22.77
CA PHE E 319 -38.53 -23.29 -21.80
C PHE E 319 -38.21 -24.54 -21.00
N THR E 320 -36.96 -25.01 -21.13
CA THR E 320 -36.50 -26.23 -20.47
C THR E 320 -35.30 -25.93 -19.61
N CYS E 321 -35.34 -26.36 -18.35
CA CYS E 321 -34.23 -26.17 -17.42
C CYS E 321 -33.49 -27.50 -17.31
N GLN E 322 -32.49 -27.67 -18.18
CA GLN E 322 -31.74 -28.92 -18.23
C GLN E 322 -30.66 -28.94 -17.16
N VAL E 323 -30.50 -30.08 -16.52
CA VAL E 323 -29.51 -30.26 -15.45
C VAL E 323 -28.66 -31.49 -15.76
N ILE E 324 -27.39 -31.43 -15.36
CA ILE E 324 -26.43 -32.51 -15.58
C ILE E 324 -25.75 -32.81 -14.25
N HIS E 325 -25.83 -34.07 -13.81
CA HIS E 325 -25.23 -34.51 -12.56
C HIS E 325 -24.89 -35.99 -12.68
N GLU E 326 -23.83 -36.40 -11.98
CA GLU E 326 -23.34 -37.78 -12.07
C GLU E 326 -24.34 -38.79 -11.51
N ALA E 327 -25.11 -38.42 -10.49
CA ALA E 327 -26.07 -39.36 -9.92
C ALA E 327 -27.20 -39.69 -10.88
N LEU E 328 -27.34 -38.94 -11.96
CA LEU E 328 -28.40 -39.19 -12.93
C LEU E 328 -28.06 -40.39 -13.81
N GLN E 329 -29.09 -41.00 -14.36
CA GLN E 329 -28.91 -42.09 -15.32
C GLN E 329 -28.47 -41.55 -16.67
N LYS E 330 -27.80 -42.40 -17.45
CA LYS E 330 -27.29 -42.00 -18.75
C LYS E 330 -28.46 -41.56 -19.64
N PRO E 331 -28.30 -40.46 -20.40
CA PRO E 331 -27.10 -39.63 -20.58
C PRO E 331 -26.94 -38.50 -19.57
N ARG E 332 -27.30 -38.73 -18.30
CA ARG E 332 -27.07 -37.77 -17.22
C ARG E 332 -27.74 -36.43 -17.51
N LYS E 333 -28.94 -36.46 -18.08
CA LYS E 333 -29.68 -35.27 -18.42
C LYS E 333 -31.11 -35.39 -17.91
N LEU E 334 -31.57 -34.38 -17.17
CA LEU E 334 -32.96 -34.27 -16.74
C LEU E 334 -33.52 -32.95 -17.25
N GLU E 335 -34.67 -33.02 -17.92
CA GLU E 335 -35.27 -31.85 -18.55
C GLU E 335 -36.66 -31.61 -17.98
N LYS E 336 -36.90 -30.40 -17.50
CA LYS E 336 -38.22 -29.95 -17.09
C LYS E 336 -38.65 -28.84 -18.03
N THR E 337 -39.75 -29.06 -18.73
CA THR E 337 -40.16 -28.20 -19.84
C THR E 337 -41.53 -27.59 -19.56
N ILE E 338 -41.65 -26.29 -19.84
CA ILE E 338 -42.93 -25.58 -19.76
C ILE E 338 -43.16 -24.86 -21.09
N SER E 339 -44.41 -24.82 -21.52
CA SER E 339 -44.80 -24.20 -22.78
C SER E 339 -45.56 -22.91 -22.49
N THR E 340 -45.20 -21.84 -23.20
CA THR E 340 -45.90 -20.56 -23.10
C THR E 340 -47.13 -20.61 -24.01
N SER E 341 -48.12 -21.37 -23.58
CA SER E 341 -49.35 -21.55 -24.34
C SER E 341 -50.54 -21.80 -23.43
N ASP F 27 -12.50 -39.67 35.84
CA ASP F 27 -11.78 -38.68 35.06
C ASP F 27 -11.02 -39.32 33.90
N PRO F 28 -11.72 -39.58 32.80
CA PRO F 28 -11.06 -40.17 31.64
C PRO F 28 -10.05 -39.21 31.01
N THR F 29 -9.00 -39.79 30.44
CA THR F 29 -7.97 -39.02 29.77
C THR F 29 -8.17 -39.06 28.26
N LEU F 30 -7.79 -37.96 27.61
CA LEU F 30 -7.99 -37.78 26.18
C LEU F 30 -6.65 -37.61 25.47
N GLU F 31 -6.48 -38.33 24.37
CA GLU F 31 -5.37 -38.12 23.46
C GLU F 31 -5.95 -37.88 22.07
N LEU F 32 -5.23 -37.13 21.25
CA LEU F 32 -5.72 -36.82 19.91
C LEU F 32 -4.54 -36.76 18.95
N LEU F 33 -4.59 -37.57 17.91
CA LEU F 33 -3.50 -37.74 16.95
C LEU F 33 -4.03 -37.56 15.54
N HIS F 34 -3.12 -37.58 14.57
CA HIS F 34 -3.48 -37.47 13.16
C HIS F 34 -2.35 -38.00 12.28
N SER F 35 -2.71 -38.48 11.10
CA SER F 35 -1.73 -38.86 10.08
C SER F 35 -1.33 -37.59 9.31
N SER F 36 -0.23 -37.63 8.56
CA SER F 36 0.24 -36.36 8.03
C SER F 36 -0.24 -36.05 6.62
N CYS F 37 0.31 -36.69 5.60
CA CYS F 37 -0.18 -36.43 4.25
C CYS F 37 -0.21 -37.66 3.34
N ASP F 38 0.76 -38.57 3.51
CA ASP F 38 1.06 -39.62 2.55
C ASP F 38 0.91 -39.12 1.10
N PRO F 39 1.78 -38.20 0.65
CA PRO F 39 1.57 -37.58 -0.66
C PRO F 39 1.65 -38.55 -1.83
N ASN F 40 2.32 -39.70 -1.66
CA ASN F 40 2.52 -40.62 -2.78
C ASN F 40 1.21 -41.22 -3.28
N ALA F 41 0.15 -41.21 -2.46
CA ALA F 41 -1.14 -41.72 -2.87
C ALA F 41 -2.20 -40.65 -2.65
N PHE F 42 -3.28 -40.74 -3.42
CA PHE F 42 -4.34 -39.73 -3.36
C PHE F 42 -5.44 -40.19 -2.41
N HIS F 43 -5.57 -39.49 -1.29
CA HIS F 43 -6.75 -39.59 -0.44
C HIS F 43 -7.21 -38.18 -0.08
N SER F 44 -6.27 -37.23 -0.09
CA SER F 44 -6.56 -35.82 0.19
C SER F 44 -7.27 -35.66 1.53
N THR F 45 -6.84 -36.43 2.52
CA THR F 45 -7.55 -36.47 3.80
C THR F 45 -6.58 -36.69 4.95
N ILE F 46 -6.78 -35.93 6.02
CA ILE F 46 -6.07 -36.12 7.28
C ILE F 46 -7.00 -36.83 8.25
N GLN F 47 -6.45 -37.75 9.03
CA GLN F 47 -7.20 -38.67 9.90
C GLN F 47 -7.03 -38.23 11.35
N LEU F 48 -8.03 -37.52 11.88
CA LEU F 48 -8.02 -37.17 13.29
C LEU F 48 -8.57 -38.30 14.13
N TYR F 49 -7.81 -38.68 15.16
CA TYR F 49 -8.13 -39.84 15.99
C TYR F 49 -8.12 -39.41 17.45
N CYS F 50 -9.29 -39.37 18.09
CA CYS F 50 -9.38 -39.02 19.50
C CYS F 50 -9.60 -40.29 20.32
N PHE F 51 -8.62 -40.63 21.14
CA PHE F 51 -8.69 -41.78 22.03
C PHE F 51 -9.11 -41.33 23.41
N ILE F 52 -10.13 -41.97 23.97
CA ILE F 52 -10.62 -41.68 25.31
C ILE F 52 -10.38 -42.93 26.15
N TYR F 53 -9.62 -42.77 27.24
CA TYR F 53 -9.28 -43.87 28.13
C TYR F 53 -9.93 -43.63 29.48
N GLY F 54 -10.66 -44.64 29.97
CA GLY F 54 -11.31 -44.55 31.26
C GLY F 54 -12.72 -44.00 31.25
N HIS F 55 -13.32 -43.84 30.08
CA HIS F 55 -14.70 -43.34 30.01
C HIS F 55 -15.66 -44.37 30.58
N ILE F 56 -16.68 -43.88 31.31
CA ILE F 56 -17.67 -44.77 31.90
C ILE F 56 -18.48 -45.44 30.79
N LEU F 57 -18.73 -46.73 30.97
CA LEU F 57 -19.41 -47.52 29.94
C LEU F 57 -20.81 -46.96 29.66
N ASN F 58 -21.18 -46.95 28.38
CA ASN F 58 -22.49 -46.49 27.92
C ASN F 58 -22.75 -45.04 28.33
N ASP F 59 -21.68 -44.24 28.39
CA ASP F 59 -21.83 -42.81 28.67
C ASP F 59 -20.98 -41.93 27.77
N VAL F 60 -20.09 -42.47 26.95
CA VAL F 60 -19.24 -41.65 26.10
C VAL F 60 -20.10 -40.95 25.05
N SER F 61 -19.94 -39.63 24.95
CA SER F 61 -20.68 -38.80 24.01
C SER F 61 -19.72 -37.85 23.30
N VAL F 62 -18.61 -38.40 22.80
CA VAL F 62 -17.59 -37.58 22.17
C VAL F 62 -18.17 -36.87 20.94
N SER F 63 -17.93 -35.57 20.85
CA SER F 63 -18.39 -34.75 19.75
C SER F 63 -17.23 -33.95 19.20
N TRP F 64 -17.28 -33.64 17.91
CA TRP F 64 -16.18 -32.96 17.25
C TRP F 64 -16.54 -31.51 16.98
N LEU F 65 -15.55 -30.63 17.17
CA LEU F 65 -15.80 -29.20 17.09
C LEU F 65 -14.66 -28.55 16.31
N MET F 66 -15.02 -27.71 15.35
CA MET F 66 -14.04 -26.89 14.63
C MET F 66 -13.75 -25.64 15.48
N ASP F 67 -13.06 -24.66 14.92
CA ASP F 67 -12.77 -23.42 15.63
C ASP F 67 -14.06 -22.62 15.76
N ASP F 68 -14.89 -23.04 16.72
CA ASP F 68 -16.23 -22.51 16.92
C ASP F 68 -17.07 -22.62 15.65
N ARG F 69 -16.84 -23.69 14.89
CA ARG F 69 -17.48 -23.95 13.60
C ARG F 69 -17.95 -25.39 13.53
N GLU F 70 -18.68 -25.82 14.58
CA GLU F 70 -19.12 -27.20 14.74
C GLU F 70 -19.61 -27.81 13.43
N ILE F 71 -19.08 -28.97 13.09
CA ILE F 71 -19.38 -29.62 11.82
C ILE F 71 -20.69 -30.39 11.96
N THR F 72 -21.55 -30.26 10.96
CA THR F 72 -22.82 -30.98 10.91
C THR F 72 -22.74 -32.27 10.10
N ASP F 73 -21.58 -32.59 9.55
CA ASP F 73 -21.44 -33.81 8.76
C ASP F 73 -21.55 -35.04 9.65
N THR F 74 -22.27 -36.05 9.17
CA THR F 74 -22.49 -37.28 9.92
C THR F 74 -21.30 -38.20 9.70
N LEU F 75 -20.25 -37.99 10.49
CA LEU F 75 -19.04 -38.81 10.40
C LEU F 75 -18.46 -38.92 11.82
N ALA F 76 -18.80 -39.99 12.52
CA ALA F 76 -18.29 -40.25 13.85
C ALA F 76 -17.40 -41.49 13.89
N GLN F 77 -17.92 -42.65 13.46
CA GLN F 77 -17.16 -43.89 13.40
C GLN F 77 -16.53 -44.23 14.75
N THR F 78 -17.30 -44.06 15.82
CA THR F 78 -16.83 -44.33 17.17
C THR F 78 -16.97 -45.82 17.47
N VAL F 79 -15.86 -46.46 17.80
CA VAL F 79 -15.84 -47.88 18.11
C VAL F 79 -15.07 -48.11 19.42
N LEU F 80 -15.32 -49.25 20.04
CA LEU F 80 -14.66 -49.61 21.28
C LEU F 80 -13.35 -50.32 21.00
N ILE F 81 -12.28 -49.87 21.66
CA ILE F 81 -10.96 -50.48 21.44
C ILE F 81 -10.78 -51.70 22.33
N LYS F 82 -10.82 -51.50 23.65
CA LYS F 82 -10.74 -52.60 24.60
C LYS F 82 -11.74 -52.35 25.72
N GLU F 83 -12.21 -53.43 26.33
CA GLU F 83 -13.23 -53.37 27.37
C GLU F 83 -12.65 -53.89 28.68
N GLU F 84 -12.87 -53.13 29.76
CA GLU F 84 -12.41 -53.51 31.09
C GLU F 84 -13.54 -53.76 32.06
N GLY F 85 -14.65 -53.04 31.94
CA GLY F 85 -15.78 -53.21 32.83
C GLY F 85 -16.26 -51.91 33.42
N LYS F 86 -15.32 -51.02 33.76
CA LYS F 86 -15.66 -49.70 34.29
C LYS F 86 -14.89 -48.56 33.64
N LEU F 87 -13.73 -48.81 33.03
CA LEU F 87 -12.94 -47.77 32.39
C LEU F 87 -12.87 -47.95 30.88
N ALA F 88 -12.39 -49.12 30.42
CA ALA F 88 -12.32 -49.44 28.99
C ALA F 88 -11.62 -48.36 28.19
N SER F 89 -11.93 -48.28 26.90
CA SER F 89 -11.38 -47.23 26.04
C SER F 89 -12.26 -47.14 24.79
N THR F 90 -12.13 -46.01 24.09
CA THR F 90 -12.87 -45.80 22.86
C THR F 90 -12.08 -44.86 21.95
N CYS F 91 -12.45 -44.87 20.67
CA CYS F 91 -11.80 -44.05 19.65
C CYS F 91 -12.85 -43.38 18.77
N SER F 92 -12.55 -42.14 18.36
CA SER F 92 -13.40 -41.37 17.46
C SER F 92 -12.57 -40.94 16.27
N LYS F 93 -13.17 -40.99 15.08
CA LYS F 93 -12.47 -40.87 13.81
C LYS F 93 -13.06 -39.71 13.00
N LEU F 94 -12.20 -38.83 12.50
CA LEU F 94 -12.62 -37.85 11.51
C LEU F 94 -11.73 -37.85 10.27
N ASN F 95 -12.38 -37.65 9.13
CA ASN F 95 -11.73 -37.36 7.86
C ASN F 95 -11.82 -35.86 7.63
N ILE F 96 -10.69 -35.19 7.41
CA ILE F 96 -10.70 -33.75 7.13
C ILE F 96 -9.96 -33.47 5.83
N THR F 97 -10.52 -32.57 5.02
CA THR F 97 -9.90 -32.17 3.77
C THR F 97 -8.58 -31.45 4.05
N GLU F 98 -7.59 -31.68 3.16
CA GLU F 98 -6.26 -31.11 3.34
C GLU F 98 -6.32 -29.59 3.46
N GLN F 99 -7.23 -28.95 2.73
CA GLN F 99 -7.32 -27.49 2.76
C GLN F 99 -7.69 -26.97 4.15
N GLN F 100 -8.65 -27.63 4.81
CA GLN F 100 -9.04 -27.21 6.15
C GLN F 100 -7.90 -27.38 7.13
N TRP F 101 -7.15 -28.49 7.02
CA TRP F 101 -6.01 -28.70 7.90
C TRP F 101 -4.90 -27.70 7.64
N MET F 102 -4.74 -27.27 6.38
CA MET F 102 -3.71 -26.29 6.03
C MET F 102 -4.08 -24.87 6.46
N SER F 103 -5.35 -24.61 6.75
CA SER F 103 -5.80 -23.26 7.06
C SER F 103 -5.48 -22.86 8.50
N GLU F 104 -4.64 -23.66 9.18
CA GLU F 104 -4.25 -23.40 10.56
C GLU F 104 -5.47 -23.34 11.49
N SER F 105 -6.52 -24.08 11.12
CA SER F 105 -7.70 -24.17 11.95
C SER F 105 -7.49 -25.18 13.08
N THR F 106 -8.13 -24.90 14.22
CA THR F 106 -8.01 -25.77 15.39
C THR F 106 -9.26 -26.65 15.47
N PHE F 107 -9.03 -27.93 15.77
CA PHE F 107 -10.11 -28.89 15.99
C PHE F 107 -10.04 -29.39 17.43
N THR F 108 -11.16 -29.95 17.89
CA THR F 108 -11.22 -30.39 19.27
C THR F 108 -12.24 -31.50 19.42
N CYS F 109 -11.86 -32.57 20.11
CA CYS F 109 -12.81 -33.59 20.55
C CYS F 109 -13.22 -33.30 21.99
N LYS F 110 -14.54 -33.25 22.22
CA LYS F 110 -15.12 -32.93 23.51
C LYS F 110 -15.86 -34.16 24.03
N VAL F 111 -15.58 -34.54 25.27
CA VAL F 111 -16.19 -35.69 25.90
C VAL F 111 -17.04 -35.19 27.06
N THR F 112 -18.34 -35.49 27.03
CA THR F 112 -19.26 -35.11 28.09
C THR F 112 -19.54 -36.37 28.91
N SER F 113 -18.82 -36.50 30.03
CA SER F 113 -18.94 -37.67 30.89
C SER F 113 -19.34 -37.22 32.29
N GLN F 114 -20.33 -37.90 32.87
CA GLN F 114 -20.84 -37.60 34.21
C GLN F 114 -21.28 -36.15 34.36
N GLY F 115 -21.61 -35.49 33.25
CA GLY F 115 -22.04 -34.11 33.27
C GLY F 115 -20.93 -33.10 33.10
N VAL F 116 -19.67 -33.53 33.14
CA VAL F 116 -18.53 -32.62 32.98
C VAL F 116 -17.92 -32.84 31.60
N ASP F 117 -17.42 -31.75 31.02
CA ASP F 117 -16.84 -31.79 29.67
C ASP F 117 -15.33 -31.79 29.74
N TYR F 118 -14.71 -32.43 28.76
CA TYR F 118 -13.26 -32.49 28.62
C TYR F 118 -12.89 -32.23 27.17
N LEU F 119 -11.88 -31.38 26.97
CA LEU F 119 -11.49 -30.89 25.66
C LEU F 119 -10.11 -31.43 25.30
N ALA F 120 -9.97 -31.91 24.07
CA ALA F 120 -8.65 -32.24 23.51
C ALA F 120 -8.51 -31.53 22.18
N HIS F 121 -7.49 -30.68 22.06
CA HIS F 121 -7.35 -29.76 20.93
C HIS F 121 -6.21 -30.19 20.03
N THR F 122 -6.26 -29.73 18.78
CA THR F 122 -5.22 -29.99 17.80
C THR F 122 -5.19 -28.88 16.76
N ARG F 123 -3.97 -28.47 16.40
CA ARG F 123 -3.75 -27.52 15.32
C ARG F 123 -2.42 -27.79 14.65
N ARG F 124 -2.35 -27.66 13.33
CA ARG F 124 -1.05 -27.63 12.68
C ARG F 124 -0.34 -26.35 13.10
N CYS F 125 0.55 -26.47 14.08
CA CYS F 125 0.95 -25.30 14.82
C CYS F 125 1.95 -24.48 14.01
N PRO F 126 2.06 -23.17 14.24
CA PRO F 126 2.47 -22.25 13.19
C PRO F 126 3.97 -22.28 12.92
N ASP F 127 4.31 -21.78 11.73
CA ASP F 127 5.68 -21.39 11.39
C ASP F 127 5.83 -19.87 11.48
N HIS F 128 4.87 -19.18 12.08
CA HIS F 128 4.80 -17.73 12.06
C HIS F 128 4.17 -17.26 13.38
N GLU F 129 3.71 -16.00 13.39
CA GLU F 129 3.15 -15.42 14.62
C GLU F 129 1.65 -15.31 14.49
N PRO F 130 0.90 -15.16 15.57
CA PRO F 130 -0.55 -15.41 15.56
C PRO F 130 -1.39 -14.41 14.75
N ARG F 131 -1.03 -14.23 13.48
CA ARG F 131 -1.93 -13.66 12.48
C ARG F 131 -2.39 -12.25 12.82
N GLY F 132 -1.56 -11.52 13.57
CA GLY F 132 -1.83 -10.11 13.82
C GLY F 132 -3.12 -9.87 14.55
N VAL F 133 -3.82 -8.79 14.18
CA VAL F 133 -5.06 -8.39 14.80
C VAL F 133 -6.06 -8.01 13.70
N ILE F 134 -7.29 -8.47 13.85
CA ILE F 134 -8.35 -8.25 12.87
C ILE F 134 -9.58 -7.68 13.57
N THR F 135 -10.15 -6.63 13.00
CA THR F 135 -11.36 -5.99 13.53
C THR F 135 -12.47 -6.08 12.51
N TYR F 136 -13.69 -6.34 12.98
CA TYR F 136 -14.88 -6.44 12.14
C TYR F 136 -15.95 -5.49 12.66
N LEU F 137 -16.67 -4.87 11.74
CA LEU F 137 -17.77 -3.96 12.07
C LEU F 137 -19.02 -4.48 11.39
N ILE F 138 -20.04 -4.79 12.18
CA ILE F 138 -21.30 -5.37 11.70
C ILE F 138 -22.40 -4.33 11.87
N PRO F 139 -23.03 -3.87 10.79
CA PRO F 139 -24.19 -2.99 10.92
C PRO F 139 -25.38 -3.73 11.49
N PRO F 140 -26.34 -3.03 12.08
CA PRO F 140 -27.51 -3.71 12.67
C PRO F 140 -28.32 -4.45 11.62
N SER F 141 -28.90 -5.57 12.04
CA SER F 141 -29.74 -6.35 11.15
C SER F 141 -31.02 -5.59 10.83
N PRO F 142 -31.55 -5.71 9.61
CA PRO F 142 -32.79 -5.00 9.26
C PRO F 142 -33.98 -5.41 10.12
N LEU F 143 -34.01 -6.67 10.59
CA LEU F 143 -35.14 -7.13 11.38
C LEU F 143 -35.30 -6.32 12.65
N ASP F 144 -34.19 -6.08 13.36
CA ASP F 144 -34.21 -5.21 14.52
C ASP F 144 -34.15 -3.73 14.15
N LEU F 145 -33.79 -3.42 12.91
CA LEU F 145 -33.68 -2.02 12.50
C LEU F 145 -35.04 -1.41 12.16
N TYR F 146 -35.96 -2.22 11.63
CA TYR F 146 -37.22 -1.68 11.12
C TYR F 146 -38.48 -2.30 11.71
N GLN F 147 -38.42 -3.47 12.32
CA GLN F 147 -39.61 -4.12 12.85
C GLN F 147 -39.62 -4.16 14.38
N ASN F 148 -38.59 -4.73 14.99
CA ASN F 148 -38.44 -4.75 16.45
C ASN F 148 -37.30 -3.79 16.75
N GLY F 149 -37.63 -2.51 16.90
CA GLY F 149 -36.61 -1.48 16.92
C GLY F 149 -35.59 -1.60 18.03
N ALA F 150 -34.41 -2.06 17.66
CA ALA F 150 -33.22 -2.01 18.51
C ALA F 150 -31.96 -2.19 17.65
N PRO F 151 -31.67 -1.28 16.72
CA PRO F 151 -30.43 -1.39 15.95
C PRO F 151 -29.20 -1.24 16.84
N LYS F 152 -28.27 -2.17 16.70
CA LYS F 152 -27.02 -2.12 17.46
C LYS F 152 -25.86 -2.40 16.52
N LEU F 153 -24.87 -1.51 16.55
CA LEU F 153 -23.64 -1.72 15.79
C LEU F 153 -22.72 -2.64 16.57
N THR F 154 -22.06 -3.56 15.86
CA THR F 154 -21.18 -4.55 16.50
C THR F 154 -19.74 -4.26 16.10
N CYS F 155 -18.87 -4.08 17.09
CA CYS F 155 -17.43 -3.93 16.87
C CYS F 155 -16.74 -5.11 17.54
N LEU F 156 -16.18 -6.01 16.74
CA LEU F 156 -15.68 -7.29 17.24
C LEU F 156 -14.23 -7.45 16.79
N VAL F 157 -13.32 -7.55 17.75
CA VAL F 157 -11.89 -7.69 17.48
C VAL F 157 -11.43 -9.08 17.89
N VAL F 158 -10.69 -9.74 17.01
CA VAL F 158 -10.20 -11.10 17.23
C VAL F 158 -8.68 -11.11 17.25
N ASP F 159 -8.11 -12.29 17.51
CA ASP F 159 -6.68 -12.54 17.46
C ASP F 159 -5.90 -11.70 18.47
N LEU F 160 -6.57 -11.21 19.51
CA LEU F 160 -5.89 -10.45 20.56
C LEU F 160 -5.24 -11.41 21.55
N GLU F 161 -4.02 -11.08 21.97
CA GLU F 161 -3.30 -11.95 22.89
C GLU F 161 -3.95 -11.97 24.27
N SER F 162 -4.49 -10.84 24.70
CA SER F 162 -5.14 -10.74 26.01
C SER F 162 -5.89 -9.41 26.07
N GLU F 163 -6.90 -9.37 26.94
CA GLU F 163 -7.69 -8.15 27.15
C GLU F 163 -7.01 -7.30 28.21
N LYS F 164 -5.94 -6.62 27.82
CA LYS F 164 -5.17 -5.80 28.76
C LYS F 164 -5.15 -4.37 28.24
N ASN F 165 -5.84 -3.47 28.96
CA ASN F 165 -5.90 -2.05 28.61
C ASN F 165 -6.35 -1.84 27.17
N VAL F 166 -7.37 -2.58 26.76
CA VAL F 166 -7.91 -2.51 25.40
C VAL F 166 -8.91 -1.36 25.34
N ASN F 167 -8.51 -0.26 24.71
CA ASN F 167 -9.39 0.89 24.53
C ASN F 167 -10.35 0.62 23.39
N VAL F 168 -11.65 0.64 23.68
CA VAL F 168 -12.69 0.45 22.66
C VAL F 168 -13.63 1.65 22.75
N THR F 169 -13.39 2.65 21.91
CA THR F 169 -14.18 3.88 21.90
C THR F 169 -14.94 3.99 20.58
N TRP F 170 -15.79 5.01 20.50
CA TRP F 170 -16.64 5.21 19.33
C TRP F 170 -16.74 6.69 19.01
N ASN F 171 -17.06 6.97 17.75
CA ASN F 171 -17.22 8.33 17.26
C ASN F 171 -18.47 8.38 16.40
N GLN F 172 -19.38 9.28 16.72
CA GLN F 172 -20.61 9.49 15.97
C GLN F 172 -20.65 10.91 15.41
N GLU F 173 -21.19 11.04 14.19
CA GLU F 173 -21.28 12.36 13.57
C GLU F 173 -22.18 13.29 14.37
N LYS F 174 -23.31 12.78 14.87
CA LYS F 174 -24.23 13.55 15.68
C LYS F 174 -24.12 13.10 17.13
N LYS F 175 -23.84 14.04 18.03
CA LYS F 175 -23.70 13.75 19.45
C LYS F 175 -25.08 13.75 20.10
N THR F 176 -25.53 12.58 20.56
CA THR F 176 -26.82 12.44 21.19
C THR F 176 -26.72 11.97 22.63
N SER F 177 -25.51 11.90 23.18
CA SER F 177 -25.26 11.45 24.56
C SER F 177 -25.82 10.04 24.71
N VAL F 178 -26.31 9.71 25.92
CA VAL F 178 -26.84 8.39 26.23
C VAL F 178 -25.80 7.33 25.90
N SER F 179 -25.86 6.80 24.67
CA SER F 179 -24.91 5.81 24.18
C SER F 179 -24.86 4.58 25.09
N ALA F 180 -23.87 4.56 25.99
CA ALA F 180 -23.70 3.47 26.95
C ALA F 180 -23.49 2.14 26.24
N SER F 181 -22.44 2.09 25.41
CA SER F 181 -22.11 0.86 24.70
C SER F 181 -21.54 -0.18 25.66
N GLN F 182 -21.87 -1.44 25.42
CA GLN F 182 -21.39 -2.54 26.24
C GLN F 182 -19.99 -2.98 25.78
N TRP F 183 -19.44 -3.95 26.50
CA TRP F 183 -18.09 -4.44 26.25
C TRP F 183 -17.94 -5.79 26.93
N TYR F 184 -17.63 -6.83 26.16
CA TYR F 184 -17.44 -8.14 26.76
C TYR F 184 -16.41 -8.93 25.97
N THR F 185 -15.57 -9.67 26.68
CA THR F 185 -14.53 -10.48 26.08
C THR F 185 -14.82 -11.96 26.32
N LYS F 186 -14.53 -12.79 25.31
CA LYS F 186 -14.75 -14.21 25.37
C LYS F 186 -13.47 -14.92 24.98
N HIS F 187 -13.02 -15.84 25.84
CA HIS F 187 -11.80 -16.59 25.62
C HIS F 187 -12.12 -17.83 24.80
N HIS F 188 -11.66 -17.85 23.55
CA HIS F 188 -11.85 -19.00 22.68
C HIS F 188 -10.85 -20.10 23.03
N ASN F 189 -11.11 -21.30 22.50
CA ASN F 189 -10.16 -22.38 22.62
C ASN F 189 -8.94 -22.18 21.74
N ASN F 190 -8.99 -21.24 20.80
CA ASN F 190 -7.96 -21.11 19.77
C ASN F 190 -6.84 -20.22 20.29
N ALA F 191 -6.39 -20.51 21.53
CA ALA F 191 -5.32 -19.78 22.21
C ALA F 191 -5.49 -18.27 22.12
N THR F 192 -6.73 -17.80 21.93
CA THR F 192 -6.99 -16.39 21.67
C THR F 192 -8.30 -15.97 22.30
N THR F 193 -8.50 -14.66 22.39
CA THR F 193 -9.72 -14.07 22.92
C THR F 193 -10.30 -13.09 21.90
N SER F 194 -11.62 -12.95 21.93
CA SER F 194 -12.34 -12.03 21.05
C SER F 194 -13.14 -11.07 21.91
N ILE F 195 -13.01 -9.77 21.63
CA ILE F 195 -13.70 -8.74 22.40
C ILE F 195 -14.75 -8.09 21.52
N THR F 196 -15.99 -8.06 22.00
CA THR F 196 -17.12 -7.52 21.25
C THR F 196 -17.76 -6.39 22.04
N SER F 197 -18.12 -5.32 21.31
CA SER F 197 -18.84 -4.19 21.87
C SER F 197 -20.06 -3.91 21.02
N ILE F 198 -21.19 -3.64 21.67
CA ILE F 198 -22.44 -3.35 21.00
C ILE F 198 -22.84 -1.91 21.30
N LEU F 199 -23.09 -1.14 20.24
CA LEU F 199 -23.50 0.26 20.35
C LEU F 199 -24.99 0.36 20.06
N PRO F 200 -25.82 0.67 21.05
CA PRO F 200 -27.25 0.85 20.81
C PRO F 200 -27.53 2.20 20.16
N VAL F 201 -28.06 2.17 18.94
CA VAL F 201 -28.39 3.37 18.20
C VAL F 201 -29.89 3.37 17.94
N VAL F 202 -30.43 4.54 17.59
CA VAL F 202 -31.83 4.69 17.20
C VAL F 202 -31.91 4.62 15.68
N ALA F 203 -33.04 4.15 15.17
CA ALA F 203 -33.15 3.85 13.74
C ALA F 203 -33.24 5.12 12.90
N LYS F 204 -33.66 6.24 13.49
CA LYS F 204 -33.87 7.45 12.70
C LYS F 204 -32.56 7.98 12.12
N ASP F 205 -31.49 7.98 12.91
CA ASP F 205 -30.21 8.45 12.41
C ASP F 205 -29.70 7.57 11.28
N TRP F 206 -29.86 6.25 11.41
CA TRP F 206 -29.44 5.34 10.35
C TRP F 206 -30.27 5.55 9.09
N ILE F 207 -31.58 5.76 9.24
CA ILE F 207 -32.44 5.97 8.09
C ILE F 207 -32.07 7.27 7.37
N GLU F 208 -31.85 8.34 8.13
CA GLU F 208 -31.43 9.60 7.51
C GLU F 208 -30.00 9.51 6.98
N GLY F 209 -29.16 8.69 7.61
CA GLY F 209 -27.80 8.50 7.16
C GLY F 209 -26.78 9.23 8.00
N TYR F 210 -26.11 8.51 8.89
CA TYR F 210 -25.08 9.06 9.75
C TYR F 210 -24.00 8.01 9.99
N GLY F 211 -22.75 8.39 9.78
CA GLY F 211 -21.66 7.46 9.94
C GLY F 211 -21.33 7.19 11.40
N TYR F 212 -20.60 6.10 11.63
CA TYR F 212 -20.13 5.74 12.96
C TYR F 212 -18.77 5.05 12.82
N GLN F 213 -17.89 5.32 13.78
CA GLN F 213 -16.53 4.77 13.75
C GLN F 213 -16.23 4.10 15.08
N CYS F 214 -15.59 2.93 15.01
CA CYS F 214 -15.13 2.20 16.19
C CYS F 214 -13.61 2.25 16.23
N ILE F 215 -13.06 2.67 17.36
CA ILE F 215 -11.62 2.84 17.54
C ILE F 215 -11.15 1.86 18.59
N VAL F 216 -10.17 1.03 18.21
CA VAL F 216 -9.58 0.04 19.12
C VAL F 216 -8.10 0.38 19.25
N ASP F 217 -7.65 0.58 20.49
CA ASP F 217 -6.28 1.00 20.77
C ASP F 217 -5.71 0.15 21.89
N HIS F 218 -4.65 -0.59 21.57
CA HIS F 218 -3.76 -1.34 22.44
C HIS F 218 -2.40 -0.66 22.47
N PRO F 219 -1.87 -0.30 23.65
CA PRO F 219 -0.61 0.45 23.68
C PRO F 219 0.59 -0.36 23.20
N ASP F 220 0.44 -0.95 22.01
CA ASP F 220 1.50 -1.55 21.23
C ASP F 220 1.26 -1.29 19.75
N PHE F 221 0.49 -0.25 19.46
CA PHE F 221 0.00 0.05 18.12
C PHE F 221 0.61 1.35 17.63
N PRO F 222 1.13 1.41 16.40
CA PRO F 222 1.60 2.69 15.86
C PRO F 222 0.50 3.73 15.77
N LYS F 223 -0.73 3.32 15.46
CA LYS F 223 -1.86 4.23 15.39
C LYS F 223 -3.13 3.44 15.62
N PRO F 224 -4.15 4.02 16.24
CA PRO F 224 -5.40 3.28 16.48
C PRO F 224 -6.04 2.83 15.18
N ILE F 225 -6.64 1.63 15.21
CA ILE F 225 -7.36 1.12 14.06
C ILE F 225 -8.79 1.65 14.08
N VAL F 226 -9.20 2.30 13.00
CA VAL F 226 -10.51 2.93 12.92
C VAL F 226 -11.24 2.40 11.70
N ARG F 227 -12.51 2.06 11.87
CA ARG F 227 -13.39 1.62 10.80
C ARG F 227 -14.46 2.67 10.57
N SER F 228 -15.31 2.42 9.57
CA SER F 228 -16.38 3.35 9.24
C SER F 228 -17.59 2.57 8.73
N ILE F 229 -18.75 2.84 9.31
CA ILE F 229 -20.01 2.25 8.88
C ILE F 229 -20.99 3.37 8.56
N THR F 230 -21.62 3.28 7.38
CA THR F 230 -22.59 4.27 6.95
C THR F 230 -23.58 3.57 6.04
N LYS F 231 -24.79 4.13 5.95
CA LYS F 231 -25.78 3.61 5.03
C LYS F 231 -25.25 3.68 3.61
N THR F 232 -25.37 2.57 2.89
CA THR F 232 -24.75 2.46 1.57
C THR F 232 -25.37 3.44 0.60
N PRO F 233 -24.59 4.30 -0.05
CA PRO F 233 -25.16 5.24 -1.01
C PRO F 233 -25.73 4.54 -2.23
N GLY F 234 -26.76 5.14 -2.81
CA GLY F 234 -27.40 4.60 -3.99
C GLY F 234 -28.90 4.76 -4.00
N GLN F 235 -29.53 4.55 -5.15
CA GLN F 235 -30.97 4.68 -5.28
C GLN F 235 -31.66 3.48 -4.62
N ARG F 236 -32.68 3.76 -3.81
CA ARG F 236 -33.41 2.71 -3.12
C ARG F 236 -34.46 2.10 -4.04
N SER F 237 -34.49 0.78 -4.11
CA SER F 237 -35.42 0.05 -4.96
C SER F 237 -36.37 -0.77 -4.09
N ALA F 238 -37.66 -0.64 -4.35
CA ALA F 238 -38.66 -1.36 -3.58
C ALA F 238 -38.67 -2.83 -3.98
N PRO F 239 -38.43 -3.76 -3.07
CA PRO F 239 -38.41 -5.18 -3.44
C PRO F 239 -39.78 -5.69 -3.87
N GLU F 240 -39.77 -6.65 -4.77
CA GLU F 240 -40.95 -7.43 -5.12
C GLU F 240 -40.76 -8.85 -4.61
N VAL F 241 -41.77 -9.35 -3.90
CA VAL F 241 -41.68 -10.62 -3.18
C VAL F 241 -42.78 -11.53 -3.71
N TYR F 242 -42.38 -12.70 -4.20
CA TYR F 242 -43.32 -13.69 -4.73
C TYR F 242 -43.09 -15.02 -4.00
N VAL F 243 -44.18 -15.62 -3.52
CA VAL F 243 -44.14 -16.90 -2.84
C VAL F 243 -44.70 -17.97 -3.78
N PHE F 244 -43.95 -19.08 -3.93
CA PHE F 244 -44.35 -20.13 -4.85
C PHE F 244 -45.12 -21.23 -4.13
N PRO F 245 -46.08 -21.86 -4.82
CA PRO F 245 -46.75 -23.03 -4.26
C PRO F 245 -45.80 -24.21 -4.17
N PRO F 246 -46.09 -25.19 -3.32
CA PRO F 246 -45.19 -26.35 -3.19
C PRO F 246 -45.07 -27.09 -4.51
N PRO F 247 -43.87 -27.12 -5.10
CA PRO F 247 -43.71 -27.76 -6.41
C PRO F 247 -43.78 -29.27 -6.37
N GLU F 248 -43.62 -29.88 -5.21
CA GLU F 248 -43.60 -31.34 -5.11
C GLU F 248 -45.02 -31.89 -5.26
N GLU F 249 -45.13 -33.22 -5.16
CA GLU F 249 -46.39 -33.92 -5.30
C GLU F 249 -46.70 -34.66 -3.99
N GLU F 250 -47.75 -35.47 -4.02
CA GLU F 250 -48.19 -36.23 -2.84
C GLU F 250 -47.23 -37.40 -2.61
N SER F 251 -46.00 -37.05 -2.24
CA SER F 251 -44.96 -38.03 -1.97
C SER F 251 -44.58 -38.09 -0.49
N GLU F 252 -45.37 -37.43 0.37
CA GLU F 252 -45.11 -37.36 1.83
C GLU F 252 -43.74 -36.73 2.01
N ASP F 253 -42.88 -37.28 2.88
CA ASP F 253 -41.53 -36.75 3.13
C ASP F 253 -41.57 -35.28 3.54
N LYS F 254 -41.10 -34.39 2.67
CA LYS F 254 -40.99 -32.98 2.99
C LYS F 254 -41.48 -32.15 1.81
N ARG F 255 -42.06 -30.99 2.11
CA ARG F 255 -42.50 -30.04 1.10
C ARG F 255 -41.63 -28.79 1.17
N THR F 256 -41.45 -28.15 0.02
CA THR F 256 -40.58 -26.98 -0.11
C THR F 256 -41.39 -25.74 -0.41
N LEU F 257 -41.16 -24.68 0.34
CA LEU F 257 -41.78 -23.38 0.12
C LEU F 257 -40.69 -22.38 -0.24
N THR F 258 -40.90 -21.65 -1.33
CA THR F 258 -39.90 -20.74 -1.87
C THR F 258 -40.43 -19.32 -1.87
N CYS F 259 -39.59 -18.39 -1.41
CA CYS F 259 -39.88 -16.96 -1.47
C CYS F 259 -38.77 -16.28 -2.27
N LEU F 260 -39.13 -15.65 -3.38
CA LEU F 260 -38.19 -14.94 -4.23
C LEU F 260 -38.37 -13.45 -4.03
N ILE F 261 -37.28 -12.75 -3.68
CA ILE F 261 -37.29 -11.31 -3.48
C ILE F 261 -36.34 -10.70 -4.49
N GLN F 262 -36.84 -9.77 -5.30
CA GLN F 262 -36.05 -9.23 -6.40
C GLN F 262 -36.19 -7.71 -6.47
N ASN F 263 -35.18 -7.09 -7.09
CA ASN F 263 -35.16 -5.66 -7.39
C ASN F 263 -35.28 -4.82 -6.12
N PHE F 264 -34.27 -4.96 -5.26
CA PHE F 264 -34.16 -4.13 -4.06
C PHE F 264 -32.71 -3.69 -3.88
N PHE F 265 -32.53 -2.54 -3.24
CA PHE F 265 -31.22 -1.99 -2.96
C PHE F 265 -31.30 -1.29 -1.61
N PRO F 266 -30.31 -1.49 -0.72
CA PRO F 266 -29.11 -2.31 -0.89
C PRO F 266 -29.34 -3.78 -0.55
N GLU F 267 -28.26 -4.54 -0.36
CA GLU F 267 -28.37 -5.96 -0.05
C GLU F 267 -28.78 -6.22 1.40
N ASP F 268 -28.81 -5.20 2.25
CA ASP F 268 -29.22 -5.36 3.64
C ASP F 268 -30.71 -5.67 3.68
N ILE F 269 -31.05 -6.94 3.90
CA ILE F 269 -32.43 -7.40 3.86
C ILE F 269 -32.63 -8.46 4.94
N SER F 270 -33.87 -8.59 5.41
CA SER F 270 -34.24 -9.56 6.42
C SER F 270 -35.40 -10.40 5.90
N VAL F 271 -35.29 -11.72 6.02
CA VAL F 271 -36.30 -12.65 5.55
C VAL F 271 -36.60 -13.65 6.66
N GLN F 272 -37.88 -13.83 6.96
CA GLN F 272 -38.30 -14.81 7.96
C GLN F 272 -39.67 -15.34 7.58
N TRP F 273 -39.99 -16.52 8.12
CA TRP F 273 -41.23 -17.23 7.84
C TRP F 273 -42.13 -17.19 9.07
N LEU F 274 -43.41 -16.92 8.87
CA LEU F 274 -44.41 -16.96 9.92
C LEU F 274 -45.36 -18.13 9.70
N GLY F 275 -45.54 -18.94 10.74
CA GLY F 275 -46.49 -20.04 10.67
C GLY F 275 -47.74 -19.78 11.48
N ASP F 276 -48.82 -19.44 10.80
CA ASP F 276 -50.10 -19.13 11.45
C ASP F 276 -49.95 -18.05 12.51
N GLY F 277 -49.12 -17.05 12.20
CA GLY F 277 -48.86 -15.94 13.12
C GLY F 277 -47.68 -16.19 14.06
N LYS F 278 -47.35 -17.45 14.29
CA LYS F 278 -46.21 -17.78 15.13
C LYS F 278 -44.92 -17.81 14.30
N LEU F 279 -43.83 -17.36 14.91
CA LEU F 279 -42.55 -17.24 14.22
C LEU F 279 -41.86 -18.61 14.17
N ILE F 280 -41.43 -19.00 12.99
CA ILE F 280 -40.66 -20.22 12.81
C ILE F 280 -39.19 -19.94 13.11
N SER F 281 -38.53 -20.89 13.75
CA SER F 281 -37.15 -20.70 14.16
C SER F 281 -36.22 -20.59 12.95
N ASN F 282 -35.04 -20.03 13.19
CA ASN F 282 -34.07 -19.77 12.13
C ASN F 282 -33.59 -21.06 11.46
N SER F 283 -33.38 -22.13 12.23
CA SER F 283 -32.76 -23.33 11.69
C SER F 283 -33.59 -23.93 10.56
N GLN F 284 -34.92 -23.83 10.63
CA GLN F 284 -35.75 -24.43 9.61
C GLN F 284 -35.54 -23.75 8.25
N HIS F 285 -35.65 -22.43 8.20
CA HIS F 285 -35.60 -21.69 6.95
C HIS F 285 -34.16 -21.35 6.58
N SER F 286 -33.88 -21.36 5.28
CA SER F 286 -32.56 -21.04 4.77
C SER F 286 -32.66 -19.94 3.73
N THR F 287 -31.89 -18.87 3.92
CA THR F 287 -31.88 -17.73 3.01
C THR F 287 -30.62 -17.78 2.17
N THR F 288 -30.78 -17.77 0.84
CA THR F 288 -29.64 -17.81 -0.05
C THR F 288 -28.87 -16.50 -0.03
N THR F 289 -27.57 -16.59 -0.29
CA THR F 289 -26.74 -15.40 -0.32
C THR F 289 -27.13 -14.50 -1.49
N PRO F 290 -27.05 -13.17 -1.31
CA PRO F 290 -27.39 -12.26 -2.40
C PRO F 290 -26.47 -12.44 -3.60
N LEU F 291 -27.03 -12.31 -4.79
CA LEU F 291 -26.28 -12.40 -6.04
C LEU F 291 -26.67 -11.24 -6.93
N LYS F 292 -25.68 -10.63 -7.58
CA LYS F 292 -25.92 -9.48 -8.43
C LYS F 292 -26.84 -9.85 -9.59
N SER F 293 -27.86 -9.03 -9.81
CA SER F 293 -28.81 -9.27 -10.89
C SER F 293 -28.20 -8.90 -12.23
N ASN F 294 -28.50 -9.71 -13.25
CA ASN F 294 -27.99 -9.46 -14.60
C ASN F 294 -28.54 -8.18 -15.20
N GLY F 295 -29.78 -7.81 -14.86
CA GLY F 295 -30.37 -6.62 -15.43
C GLY F 295 -29.77 -5.35 -14.87
N SER F 296 -30.13 -4.23 -15.50
CA SER F 296 -29.64 -2.92 -15.11
C SER F 296 -30.49 -2.34 -13.97
N ASN F 297 -30.59 -3.11 -12.89
CA ASN F 297 -31.36 -2.70 -11.73
C ASN F 297 -30.63 -2.91 -10.40
N GLN F 298 -29.53 -3.67 -10.39
CA GLN F 298 -28.80 -3.98 -9.15
C GLN F 298 -29.73 -4.56 -8.10
N GLY F 299 -30.60 -5.47 -8.52
CA GLY F 299 -31.67 -5.94 -7.65
C GLY F 299 -31.21 -6.85 -6.54
N PHE F 300 -30.10 -7.55 -6.73
CA PHE F 300 -29.58 -8.52 -5.76
C PHE F 300 -30.65 -9.54 -5.40
N PHE F 301 -31.12 -10.26 -6.42
CA PHE F 301 -32.20 -11.22 -6.23
C PHE F 301 -31.80 -12.29 -5.23
N ILE F 302 -32.73 -12.63 -4.34
CA ILE F 302 -32.48 -13.62 -3.29
C ILE F 302 -33.64 -14.60 -3.23
N PHE F 303 -33.34 -15.81 -2.75
CA PHE F 303 -34.31 -16.87 -2.55
C PHE F 303 -34.24 -17.34 -1.10
N SER F 304 -35.40 -17.71 -0.55
CA SER F 304 -35.49 -18.31 0.76
C SER F 304 -36.33 -19.58 0.69
N ARG F 305 -35.80 -20.67 1.24
CA ARG F 305 -36.45 -21.97 1.19
C ARG F 305 -36.83 -22.41 2.60
N LEU F 306 -37.99 -23.05 2.70
CA LEU F 306 -38.45 -23.63 3.97
C LEU F 306 -38.94 -25.04 3.70
N GLU F 307 -38.40 -26.01 4.43
CA GLU F 307 -38.84 -27.39 4.34
C GLU F 307 -39.85 -27.65 5.45
N VAL F 308 -40.94 -28.33 5.11
CA VAL F 308 -42.05 -28.56 6.02
C VAL F 308 -42.38 -30.04 6.01
N ALA F 309 -42.52 -30.61 7.20
CA ALA F 309 -42.86 -32.02 7.33
C ALA F 309 -44.30 -32.26 6.89
N LYS F 310 -44.61 -33.54 6.62
CA LYS F 310 -45.94 -33.90 6.17
C LYS F 310 -47.00 -33.59 7.22
N THR F 311 -46.68 -33.81 8.50
CA THR F 311 -47.65 -33.53 9.56
C THR F 311 -48.01 -32.05 9.61
N LEU F 312 -47.00 -31.18 9.50
CA LEU F 312 -47.26 -29.74 9.54
C LEU F 312 -48.14 -29.31 8.37
N TRP F 313 -47.88 -29.84 7.18
CA TRP F 313 -48.70 -29.50 6.03
C TRP F 313 -50.11 -30.04 6.15
N THR F 314 -50.27 -31.23 6.74
CA THR F 314 -51.59 -31.82 6.93
C THR F 314 -52.36 -31.21 8.10
N GLN F 315 -51.69 -30.44 8.96
CA GLN F 315 -52.37 -29.71 10.02
C GLN F 315 -53.12 -28.48 9.53
N ARG F 316 -53.19 -28.28 8.21
CA ARG F 316 -53.89 -27.14 7.60
C ARG F 316 -53.34 -25.82 8.14
N LYS F 317 -52.05 -25.60 7.88
CA LYS F 317 -51.34 -24.43 8.37
C LYS F 317 -51.21 -23.38 7.28
N GLN F 318 -51.11 -22.12 7.71
CA GLN F 318 -50.97 -20.98 6.81
C GLN F 318 -49.61 -20.35 7.05
N PHE F 319 -48.90 -20.03 5.96
CA PHE F 319 -47.56 -19.50 6.05
C PHE F 319 -47.48 -18.10 5.46
N THR F 320 -46.51 -17.32 5.93
CA THR F 320 -46.36 -15.93 5.53
C THR F 320 -44.89 -15.59 5.37
N CYS F 321 -44.56 -14.98 4.22
CA CYS F 321 -43.25 -14.38 4.00
C CYS F 321 -43.28 -12.95 4.53
N GLN F 322 -42.30 -12.61 5.36
CA GLN F 322 -42.33 -11.39 6.16
C GLN F 322 -41.09 -10.53 5.89
N VAL F 323 -40.84 -10.23 4.62
CA VAL F 323 -39.59 -9.55 4.28
C VAL F 323 -39.59 -8.14 4.87
N ILE F 324 -38.40 -7.67 5.24
CA ILE F 324 -38.19 -6.34 5.81
C ILE F 324 -37.13 -5.64 4.98
N HIS F 325 -37.45 -4.44 4.49
CA HIS F 325 -36.52 -3.68 3.66
C HIS F 325 -36.68 -2.20 3.95
N GLU F 326 -35.62 -1.44 3.67
CA GLU F 326 -35.63 -0.01 3.95
C GLU F 326 -36.47 0.76 2.94
N ALA F 327 -36.42 0.36 1.67
CA ALA F 327 -37.09 1.11 0.61
C ALA F 327 -38.61 1.14 0.76
N LEU F 328 -39.18 0.19 1.50
CA LEU F 328 -40.62 0.16 1.70
C LEU F 328 -41.07 1.30 2.61
N GLN F 329 -42.32 1.71 2.41
CA GLN F 329 -42.93 2.69 3.29
C GLN F 329 -43.24 2.06 4.65
N LYS F 330 -43.60 2.90 5.61
CA LYS F 330 -43.86 2.42 6.96
C LYS F 330 -45.00 1.42 6.95
N PRO F 331 -44.89 0.32 7.73
CA PRO F 331 -43.83 -0.01 8.67
C PRO F 331 -42.69 -0.83 8.06
N ARG F 332 -42.43 -0.67 6.76
CA ARG F 332 -41.31 -1.33 6.07
C ARG F 332 -41.37 -2.84 6.24
N LYS F 333 -42.56 -3.41 6.04
CA LYS F 333 -42.78 -4.84 6.12
C LYS F 333 -43.64 -5.28 4.95
N LEU F 334 -43.18 -6.29 4.21
CA LEU F 334 -43.95 -6.87 3.12
C LEU F 334 -44.29 -8.30 3.48
N GLU F 335 -45.58 -8.59 3.60
CA GLU F 335 -46.09 -9.90 3.97
C GLU F 335 -46.82 -10.51 2.77
N LYS F 336 -46.38 -11.70 2.36
CA LYS F 336 -47.02 -12.46 1.30
C LYS F 336 -47.57 -13.75 1.90
N THR F 337 -48.86 -13.99 1.71
CA THR F 337 -49.56 -15.08 2.38
C THR F 337 -49.72 -16.27 1.43
N ILE F 338 -49.37 -17.46 1.92
CA ILE F 338 -49.53 -18.71 1.19
C ILE F 338 -50.30 -19.67 2.06
N SER F 339 -51.35 -20.27 1.50
CA SER F 339 -52.22 -21.19 2.22
C SER F 339 -52.00 -22.62 1.73
N THR F 340 -52.76 -23.55 2.31
CA THR F 340 -52.68 -24.97 1.95
C THR F 340 -53.84 -25.43 1.09
N SER F 341 -55.06 -24.97 1.37
CA SER F 341 -56.23 -25.35 0.59
C SER F 341 -56.17 -24.78 -0.82
C1 NAG G . 12.91 21.91 12.82
C2 NAG G . 12.08 21.65 14.08
C3 NAG G . 11.45 20.26 14.04
C4 NAG G . 10.66 20.06 12.76
C5 NAG G . 11.58 20.31 11.57
C6 NAG G . 10.89 20.21 10.23
C7 NAG G . 12.40 22.14 16.47
C8 NAG G . 13.40 22.25 17.58
N2 NAG G . 12.90 21.80 15.28
O3 NAG G . 10.60 20.09 15.17
O4 NAG G . 10.11 18.75 12.71
O5 NAG G . 12.11 21.65 11.66
O6 NAG G . 11.75 19.68 9.23
O7 NAG G . 11.21 22.35 16.65
C1 NAG G . 8.69 18.81 12.43
C2 NAG G . 8.25 17.48 11.82
C3 NAG G . 6.81 17.16 12.24
C4 NAG G . 6.76 16.94 13.74
C5 NAG G . 7.44 18.08 14.50
C6 NAG G . 8.65 17.65 15.29
C7 NAG G . 8.53 16.41 9.63
C8 NAG G . 8.64 16.62 8.15
N2 NAG G . 8.36 17.50 10.38
O3 NAG G . 6.37 16.00 11.56
O4 NAG G . 5.43 16.79 14.21
O5 NAG G . 7.85 19.14 13.61
O6 NAG G . 8.83 18.47 16.44
O7 NAG G . 8.58 15.28 10.13
C1 BMA G . 4.42 17.47 13.43
C2 BMA G . 3.03 16.93 13.90
C3 BMA G . 1.91 17.69 13.18
C4 BMA G . 2.11 19.22 13.24
C5 BMA G . 3.52 19.57 12.73
C6 BMA G . 3.82 21.05 12.78
O2 BMA G . 2.85 17.14 15.28
O3 BMA G . 0.63 17.35 13.71
O4 BMA G . 1.15 19.86 12.44
O5 BMA G . 4.47 18.89 13.57
O6 BMA G . 4.92 21.31 11.92
C1 NAG H . 7.08 13.06 5.64
C2 NAG H . 6.70 13.52 4.22
C3 NAG H . 5.27 14.04 4.21
C4 NAG H . 4.31 13.03 4.81
C5 NAG H . 4.81 12.57 6.19
C6 NAG H . 3.98 11.45 6.77
C7 NAG H . 7.84 15.72 4.27
C8 NAG H . 8.84 16.59 3.57
N2 NAG H . 7.63 14.51 3.71
O3 NAG H . 4.89 14.34 2.88
O4 NAG H . 3.03 13.61 4.97
O5 NAG H . 6.15 12.08 6.10
O6 NAG H . 3.81 11.61 8.18
O7 NAG H . 7.23 16.09 5.27
C1 NAG H . 2.09 13.00 4.07
C2 NAG H . 0.71 13.05 4.71
C3 NAG H . -0.34 12.46 3.77
C4 NAG H . -0.29 13.18 2.42
C5 NAG H . 1.12 13.12 1.86
C6 NAG H . 1.28 13.90 0.57
C7 NAG H . 0.43 12.93 7.15
C8 NAG H . 0.47 12.04 8.36
N2 NAG H . 0.70 12.34 5.99
O3 NAG H . -1.63 12.61 4.36
O4 NAG H . -1.19 12.55 1.51
O5 NAG H . 2.05 13.69 2.80
O6 NAG H . 1.96 13.14 -0.41
O7 NAG H . 0.17 14.13 7.23
C1 BMA H . -2.30 13.46 1.26
C2 BMA H . -3.20 12.83 0.17
C3 BMA H . -4.47 13.66 -0.01
C4 BMA H . -5.13 13.98 1.34
C5 BMA H . -4.11 14.64 2.28
C6 BMA H . -4.69 14.95 3.64
O2 BMA H . -3.62 11.53 0.56
O3 BMA H . -5.40 13.02 -0.88
O4 BMA H . -6.23 14.86 1.14
O5 BMA H . -3.02 13.73 2.45
O6 BMA H . -5.93 15.64 3.46
C1 NAG I . -4.07 -8.89 -8.65
C2 NAG I . -4.17 -9.66 -7.33
C3 NAG I . -4.33 -11.16 -7.56
C4 NAG I . -5.52 -11.41 -8.48
C5 NAG I . -5.31 -10.64 -9.78
C6 NAG I . -6.48 -10.78 -10.74
C7 NAG I . -3.00 -9.46 -5.17
C8 NAG I . -1.71 -9.17 -4.48
N2 NAG I . -2.99 -9.40 -6.50
O3 NAG I . -4.52 -11.82 -6.32
O4 NAG I . -5.66 -12.80 -8.73
O5 NAG I . -5.19 -9.24 -9.50
O6 NAG I . -7.49 -9.84 -10.47
O7 NAG I . -4.02 -9.74 -4.54
C1 NAG I . -6.93 -13.25 -8.19
C2 NAG I . -7.52 -14.31 -9.12
C3 NAG I . -8.84 -14.82 -8.56
C4 NAG I . -8.67 -15.30 -7.12
C5 NAG I . -8.02 -14.22 -6.27
C6 NAG I . -7.70 -14.68 -4.87
C7 NAG I . -7.55 -14.53 -11.57
C8 NAG I . -7.78 -13.82 -12.87
N2 NAG I . -7.69 -13.78 -10.46
O3 NAG I . -9.33 -15.88 -9.38
O4 NAG I . -9.94 -15.63 -6.56
O5 NAG I . -6.77 -13.81 -6.86
O6 NAG I . -6.60 -15.59 -4.86
O7 NAG I . -7.24 -15.72 -11.51
C1 BMA I . -10.10 -17.06 -6.52
C2 BMA I . -11.26 -17.38 -5.52
C3 BMA I . -11.62 -18.87 -5.58
C4 BMA I . -11.81 -19.36 -7.02
C5 BMA I . -10.55 -19.01 -7.83
C6 BMA I . -10.64 -19.46 -9.29
O2 BMA I . -12.44 -16.66 -5.88
O3 BMA I . -12.79 -19.15 -4.81
O4 BMA I . -12.01 -20.76 -7.05
O5 BMA I . -10.39 -17.59 -7.81
O6 BMA I . -11.82 -18.90 -9.86
C1 MAN I . -12.50 -20.19 -3.86
C2 MAN I . -13.84 -20.81 -3.40
C3 MAN I . -14.59 -19.85 -2.48
C4 MAN I . -13.68 -19.33 -1.36
C5 MAN I . -12.43 -18.68 -1.97
C6 MAN I . -11.45 -18.18 -0.94
O2 MAN I . -13.62 -22.00 -2.62
O3 MAN I . -15.76 -20.44 -1.93
O4 MAN I . -14.37 -18.37 -0.57
O5 MAN I . -11.75 -19.66 -2.77
O6 MAN I . -10.43 -17.44 -1.61
C1 MAN I . -12.14 -19.67 -11.05
C2 MAN I . -12.30 -18.66 -12.23
C3 MAN I . -13.61 -17.88 -12.09
C4 MAN I . -14.80 -18.83 -11.86
C5 MAN I . -14.53 -19.69 -10.62
C6 MAN I . -15.64 -20.68 -10.33
O2 MAN I . -12.39 -19.33 -13.49
O3 MAN I . -13.85 -17.06 -13.23
O4 MAN I . -15.99 -18.08 -11.66
O5 MAN I . -13.31 -20.44 -10.84
O6 MAN I . -15.37 -21.29 -9.08
C1 NAG J . -9.23 -18.24 16.59
C2 NAG J . -9.20 -17.49 15.27
C3 NAG J . -10.34 -16.50 15.21
C4 NAG J . -11.67 -17.20 15.43
C5 NAG J . -11.62 -18.01 16.73
C6 NAG J . -12.87 -18.85 16.96
C7 NAG J . -6.90 -17.38 14.42
C8 NAG J . -5.65 -16.56 14.32
N2 NAG J . -7.91 -16.82 15.08
O3 NAG J . -10.33 -15.85 13.93
O4 NAG J . -12.73 -16.26 15.49
O5 NAG J . -10.50 -18.92 16.73
O6 NAG J . -14.04 -18.05 16.95
O7 NAG J . -6.99 -18.51 13.93
C1 NAG J . -13.46 -16.20 14.25
C2 NAG J . -14.64 -15.23 14.39
C3 NAG J . -15.39 -15.11 13.07
C4 NAG J . -14.44 -14.73 11.94
C5 NAG J . -13.27 -15.71 11.90
C6 NAG J . -12.21 -15.32 10.89
C7 NAG J . -15.74 -14.97 16.58
C8 NAG J . -16.71 -15.56 17.55
N2 NAG J . -15.54 -15.66 15.45
O3 NAG J . -16.41 -14.12 13.20
O4 NAG J . -15.12 -14.76 10.70
O5 NAG J . -12.61 -15.76 13.17
O6 NAG J . -11.12 -14.68 11.50
O7 NAG J . -15.16 -13.91 16.80
C1 BMA J . -15.35 -13.40 10.24
C2 BMA J . -15.47 -13.43 8.69
C3 BMA J . -15.93 -12.07 8.16
C4 BMA J . -17.13 -11.52 8.94
C5 BMA J . -16.82 -11.52 10.44
C6 BMA J . -17.99 -11.04 11.28
O2 BMA J . -16.45 -14.37 8.28
O3 BMA J . -16.24 -12.11 6.77
O4 BMA J . -17.44 -10.20 8.51
O5 BMA J . -16.52 -12.86 10.84
O6 BMA J . -18.86 -12.15 11.46
C1 MAN J . -15.44 -11.14 6.07
C2 MAN J . -16.29 -10.58 4.89
C3 MAN J . -16.40 -11.63 3.77
C4 MAN J . -15.03 -12.18 3.40
C5 MAN J . -14.35 -12.77 4.65
C6 MAN J . -12.97 -13.32 4.38
O2 MAN J . -15.68 -9.45 4.29
O3 MAN J . -17.05 -11.10 2.62
O4 MAN J . -15.16 -13.21 2.42
O5 MAN J . -14.22 -11.71 5.63
O6 MAN J . -12.53 -13.98 5.56
C1 MAN J . -20.22 -11.68 11.59
C2 MAN J . -21.06 -12.85 12.19
C3 MAN J . -21.26 -13.95 11.14
C4 MAN J . -21.80 -13.37 9.84
C5 MAN J . -20.85 -12.28 9.33
C6 MAN J . -21.34 -11.61 8.05
O2 MAN J . -22.38 -12.41 12.54
O3 MAN J . -22.12 -14.97 11.62
O4 MAN J . -21.91 -14.39 8.86
O5 MAN J . -20.73 -11.25 10.33
O6 MAN J . -20.32 -10.72 7.59
C1 NAG K . 33.66 16.52 21.81
C2 NAG K . 34.38 15.19 21.99
C3 NAG K . 34.65 14.93 23.47
C4 NAG K . 35.36 16.11 24.11
C5 NAG K . 34.59 17.41 23.84
C6 NAG K . 35.32 18.63 24.33
C7 NAG K . 34.21 13.05 20.80
C8 NAG K . 33.29 12.01 20.24
N2 NAG K . 33.63 14.10 21.40
O3 NAG K . 35.42 13.75 23.62
O4 NAG K . 35.48 15.92 25.51
O5 NAG K . 34.40 17.57 22.43
O6 NAG K . 36.29 19.08 23.40
O7 NAG K . 35.43 12.96 20.71
C1 NAG L . 6.11 8.83 -19.46
C2 NAG L . 6.38 8.23 -20.86
C3 NAG L . 5.42 8.84 -21.88
C4 NAG L . 3.98 8.69 -21.42
C5 NAG L . 3.82 9.29 -20.03
C6 NAG L . 2.43 9.09 -19.46
C7 NAG L . 8.37 7.72 -22.20
C8 NAG L . 9.80 8.09 -22.49
N2 NAG L . 7.76 8.45 -21.26
O3 NAG L . 5.59 8.18 -23.14
O4 NAG L . 3.10 9.35 -22.32
O5 NAG L . 4.73 8.66 -19.12
O6 NAG L . 2.44 8.17 -18.37
O7 NAG L . 7.81 6.81 -22.79
C1 NAG M . 10.57 -5.52 -9.97
C2 NAG M . 11.29 -4.99 -11.21
C3 NAG M . 12.31 -6.02 -11.72
C4 NAG M . 13.25 -6.44 -10.58
C5 NAG M . 12.44 -6.90 -9.37
C6 NAG M . 13.30 -7.20 -8.17
C7 NAG M . 9.51 -5.49 -12.86
C8 NAG M . 8.63 -4.91 -13.92
N2 NAG M . 10.35 -4.64 -12.26
O3 NAG M . 13.05 -5.47 -12.79
O4 NAG M . 14.09 -7.49 -11.01
O5 NAG M . 11.53 -5.86 -8.96
O6 NAG M . 13.14 -8.55 -7.75
O7 NAG M . 9.46 -6.68 -12.56
C1 NAG N . 11.40 -28.52 -15.45
C2 NAG N . 11.40 -27.97 -16.89
C3 NAG N . 12.60 -27.05 -17.12
C4 NAG N . 12.76 -26.12 -15.92
C5 NAG N . 13.19 -26.93 -14.71
C6 NAG N . 12.65 -26.37 -13.41
C7 NAG N . 10.29 -29.69 -18.24
C8 NAG N . 10.47 -30.78 -19.26
N2 NAG N . 11.41 -29.05 -17.86
O3 NAG N . 12.39 -26.29 -18.30
O4 NAG N . 13.75 -25.13 -16.21
O5 NAG N . 12.73 -28.28 -14.81
O6 NAG N . 13.38 -25.22 -12.99
O7 NAG N . 9.18 -29.39 -17.80
C1 NAG O . 8.24 -37.95 26.11
C2 NAG O . 8.39 -38.00 27.63
C3 NAG O . 7.02 -38.15 28.30
C4 NAG O . 6.08 -37.06 27.81
C5 NAG O . 6.03 -37.02 26.29
C6 NAG O . 5.21 -35.88 25.75
C7 NAG O . 10.22 -38.92 28.99
C8 NAG O . 11.05 -40.13 29.30
N2 NAG O . 9.28 -39.07 28.05
O3 NAG O . 7.18 -38.08 29.71
O4 NAG O . 4.77 -37.29 28.32
O5 NAG O . 7.36 -36.87 25.76
O6 NAG O . 4.50 -35.21 26.78
O7 NAG O . 10.37 -37.85 29.58
C1 NAG P . -12.82 -41.87 6.38
C2 NAG P . -12.10 -42.27 5.09
C3 NAG P . -12.01 -43.80 4.98
C4 NAG P . -11.40 -44.38 6.25
C5 NAG P . -12.16 -43.90 7.48
C6 NAG P . -11.57 -44.38 8.78
C7 NAG P . -12.38 -40.62 3.30
C8 NAG P . -13.19 -40.20 2.11
N2 NAG P . -12.79 -41.72 3.93
O3 NAG P . -11.23 -44.15 3.85
O4 NAG P . -11.46 -45.81 6.20
O5 NAG P . -12.15 -42.46 7.51
O6 NAG P . -11.19 -45.74 8.72
O7 NAG P . -11.39 -39.99 3.67
C1 NAG Q . -10.18 4.47 26.81
C2 NAG Q . -9.45 4.82 28.11
C3 NAG Q . -10.26 5.82 28.92
C4 NAG Q . -10.57 7.05 28.06
C5 NAG Q . -11.24 6.63 26.76
C6 NAG Q . -11.45 7.79 25.81
C7 NAG Q . -9.72 2.48 28.98
C8 NAG Q . -9.11 1.46 29.90
N2 NAG Q . -9.08 3.66 28.92
O3 NAG Q . -9.53 6.19 30.08
O4 NAG Q . -11.41 7.94 28.77
O5 NAG Q . -10.43 5.67 26.06
O6 NAG Q . -10.22 8.42 25.47
O7 NAG Q . -10.74 2.24 28.34
#